data_7R1D
#
_entry.id   7R1D
#
_cell.length_a   1.00
_cell.length_b   1.00
_cell.length_c   1.00
_cell.angle_alpha   90.00
_cell.angle_beta   90.00
_cell.angle_gamma   90.00
#
_symmetry.space_group_name_H-M   'P 1'
#
loop_
_entity.id
_entity.type
_entity.pdbx_description
1 polymer 'Protein lin-9 homolog'
2 polymer 'Histone-binding protein RBBP4'
3 polymer 'Protein lin-37 homolog'
#
loop_
_entity_poly.entity_id
_entity_poly.type
_entity_poly.pdbx_seq_one_letter_code
_entity_poly.pdbx_strand_id
1 'polypeptide(L)'
;MAELDQLPDESSSAKALVSLKEGSLSNTWNEKYSSLQKTPVWKGRNTSSAVEMPFRNSKRSRLFSDEDDRQINTRSPKRN
QRVAMVPQKFTATMSTPDKKASQKIGFRLRNLLKLPKAHKWCIYEWFYSNIDKPLFEGDNDFCVCLKESFPNLKTRKLTR
VEWGKIRRLMGKPRRCSSAFFEEERSALKQKRQKIRLLQQRKVADVSQFKDLPDEIPLPLVIGTKVTARLRGVHDGLFTG
QIDAVDTLNATYRVTFDRTGLGTHTIPDYEVLSNEPHETMPIAAFGQKQRPSRFFMTPPRLHYTPPLQSPIIDNDPLLGQ
SPWRSKISGSDTETLGGFPVEFLIQVTRLSKILMIKKEHIKKLREMNTEAEKLKSYSMPISIEFQRRYATIVLELEQLNK
DLNKVLHKVQQYCYELAPDQGLQPADQPTDMRRRCEEEAQEIVRHANSSTGQPCVENENLTDLISRLTAILLQIKCLAEG
GDLNSFEFKSLTDSLNDIKSTIDASNISCFQNNVEIHVAHIQSGLSQMGNLHAFAANNTNRD
;
C
2 'polypeptide(L)'
;MADKEAAFDDAVEERVINEEYKIWKKNTPFLYDLVMTHALEWPSLTAQWLPDVTRPEGKDFSIHRLVLGTHTSDEQNHLV
IASVQLPNDDAQFDASHYDSEKGEFGGFGSVSGKIEIEIKINHEGEVNRARYMPQNPCIIATKTPSSDVLVFDYTKHPSK
PDPSGECNPDLRLRGHQKEGYGLSWNPNLSGHLLSASDDHTICLWDISAVPKEGKVVDAKTIFTGHTAVVEDVSWHLLHE
SLFGSVADDQKLMIWDTRSNNTSKPSHSVDAHTAEVNCLSFNPYSEFILATGSADKTVALWDLRNLKLKLHSFESHKDEI
FQVQWSPHNETILASSGTDRRLNVWDLSKIGEEQSPEDAEDGPPELLFIHGGHTAKISDFSWNPNEPWVICSVSEDNIMQ
VWQMAENIYNDEDPEGSVDPEGQGS
;
A
3 'polypeptide(L)'
;MFPVKVKVEKSELEMAKARNQLDAVLQCLLEKSHMDRERLDEEAGKTPSDTHNKDCSIAATGKRPSARFPHQRRKKRREM
DDGLAEGGPQRSNTYVIKLFDRSVDLAQFSENTPLYPICRAWMRNSPSVRERECSPSSPLPPLPEDEEGSEVTNSKSRDV
YKLPPPTPPGPPGDACRSRIPSPLQPEMQGTPDDEPSEPEPSPSTLIYRNMQRWKRIRQRWKEASHRNQLRYSESMKILR
EMYERQGSALEVLFQ
;
B
#
# COMPACT_ATOMS: atom_id res chain seq x y z
N SER A 95 1.14 2.70 -37.89
CA SER A 95 2.18 3.12 -36.97
C SER A 95 3.42 2.24 -37.10
N THR A 96 3.99 1.89 -35.95
CA THR A 96 5.17 1.04 -35.90
C THR A 96 5.11 0.24 -34.61
N PRO A 97 5.78 -0.91 -34.55
CA PRO A 97 5.76 -1.69 -33.29
C PRO A 97 6.25 -0.91 -32.10
N ASP A 98 7.29 -0.08 -32.29
CA ASP A 98 7.77 0.75 -31.19
C ASP A 98 6.75 1.83 -30.82
N LYS A 99 6.22 2.52 -31.82
CA LYS A 99 5.22 3.55 -31.56
C LYS A 99 3.97 2.96 -30.94
N LYS A 100 3.50 1.83 -31.46
CA LYS A 100 2.34 1.16 -30.87
C LYS A 100 2.61 0.76 -29.43
N ALA A 101 3.81 0.21 -29.18
CA ALA A 101 4.17 -0.14 -27.81
C ALA A 101 4.21 1.11 -26.93
N SER A 102 4.94 2.13 -27.36
CA SER A 102 4.98 3.37 -26.59
C SER A 102 3.60 4.01 -26.50
N GLN A 103 2.75 3.78 -27.49
CA GLN A 103 1.35 4.17 -27.36
C GLN A 103 0.69 3.42 -26.21
N LYS A 104 1.04 2.15 -26.03
CA LYS A 104 0.48 1.38 -24.92
C LYS A 104 0.98 1.89 -23.58
N ILE A 105 2.27 2.26 -23.50
CA ILE A 105 2.76 2.90 -22.26
C ILE A 105 2.02 4.20 -21.99
N GLY A 106 1.83 5.02 -23.01
CA GLY A 106 1.11 6.27 -22.82
C GLY A 106 -0.31 6.04 -22.34
N PHE A 107 -0.99 5.05 -22.92
CA PHE A 107 -2.35 4.75 -22.49
C PHE A 107 -2.37 4.20 -21.07
N ARG A 108 -1.36 3.40 -20.70
CA ARG A 108 -1.25 2.95 -19.31
C ARG A 108 -1.16 4.14 -18.37
N LEU A 109 -0.30 5.10 -18.70
CA LEU A 109 -0.13 6.26 -17.84
C LEU A 109 -1.41 7.08 -17.78
N ARG A 110 -2.12 7.21 -18.90
CA ARG A 110 -3.39 7.93 -18.91
C ARG A 110 -4.41 7.25 -18.03
N ASN A 111 -4.51 5.92 -18.11
CA ASN A 111 -5.44 5.19 -17.25
C ASN A 111 -5.07 5.37 -15.78
N LEU A 112 -3.77 5.38 -15.49
CA LEU A 112 -3.31 5.59 -14.12
C LEU A 112 -3.70 6.97 -13.60
N LEU A 113 -3.54 8.00 -14.44
CA LEU A 113 -3.81 9.36 -14.02
C LEU A 113 -5.28 9.73 -14.05
N LYS A 114 -6.12 8.94 -14.70
CA LYS A 114 -7.55 9.24 -14.58
C LYS A 114 -8.11 8.87 -13.22
N LEU A 115 -7.29 8.38 -12.30
CA LEU A 115 -7.73 8.00 -10.96
C LEU A 115 -7.40 9.13 -9.99
N PRO A 116 -8.40 9.79 -9.40
CA PRO A 116 -8.08 10.91 -8.49
C PRO A 116 -7.16 10.52 -7.35
N LYS A 117 -7.39 9.36 -6.74
CA LYS A 117 -6.56 8.94 -5.61
C LYS A 117 -5.13 8.64 -6.06
N ALA A 118 -4.98 8.00 -7.22
CA ALA A 118 -3.64 7.75 -7.74
C ALA A 118 -2.91 9.04 -8.05
N HIS A 119 -3.62 10.03 -8.60
CA HIS A 119 -3.03 11.33 -8.83
C HIS A 119 -2.59 11.97 -7.51
N LYS A 120 -3.45 11.90 -6.49
CA LYS A 120 -3.08 12.42 -5.19
C LYS A 120 -1.82 11.75 -4.68
N TRP A 121 -1.70 10.44 -4.87
CA TRP A 121 -0.49 9.74 -4.44
C TRP A 121 0.72 10.24 -5.20
N CYS A 122 0.58 10.40 -6.51
CA CYS A 122 1.69 10.95 -7.29
C CYS A 122 2.11 12.31 -6.73
N ILE A 123 1.13 13.08 -6.24
CA ILE A 123 1.45 14.35 -5.60
C ILE A 123 2.27 14.11 -4.34
N TYR A 124 1.80 13.22 -3.46
CA TYR A 124 2.48 13.04 -2.18
C TYR A 124 3.89 12.49 -2.37
N GLU A 125 4.06 11.58 -3.33
CA GLU A 125 5.31 10.83 -3.40
C GLU A 125 6.49 11.71 -3.77
N TRP A 126 6.35 12.50 -4.83
CA TRP A 126 7.49 13.24 -5.37
C TRP A 126 7.37 14.74 -5.26
N PHE A 127 6.17 15.29 -5.14
CA PHE A 127 6.03 16.74 -5.10
C PHE A 127 6.46 17.25 -3.73
N TYR A 128 7.50 18.08 -3.72
CA TYR A 128 7.96 18.77 -2.53
C TYR A 128 7.98 20.27 -2.82
N SER A 129 7.39 21.04 -1.93
CA SER A 129 7.55 22.49 -2.03
C SER A 129 8.99 22.87 -1.72
N ASN A 130 9.38 24.05 -2.19
CA ASN A 130 10.74 24.52 -1.93
C ASN A 130 11.00 24.63 -0.43
N ILE A 131 9.95 24.82 0.36
CA ILE A 131 10.12 24.90 1.80
C ILE A 131 10.10 23.53 2.47
N ASP A 132 9.69 22.48 1.75
CA ASP A 132 9.74 21.12 2.28
C ASP A 132 11.01 20.38 1.92
N LYS A 133 11.57 20.65 0.74
CA LYS A 133 12.74 19.94 0.27
C LYS A 133 13.91 19.93 1.25
N PRO A 134 14.30 21.06 1.87
CA PRO A 134 15.42 21.00 2.83
C PRO A 134 15.13 20.17 4.06
N LEU A 135 13.86 20.01 4.43
CA LEU A 135 13.52 19.27 5.63
C LEU A 135 13.68 17.77 5.47
N PHE A 136 13.53 17.24 4.26
CA PHE A 136 13.61 15.80 4.02
C PHE A 136 14.73 15.41 3.09
N GLU A 137 14.79 16.01 1.89
CA GLU A 137 15.56 15.42 0.80
C GLU A 137 17.06 15.58 0.99
N GLY A 138 17.51 16.43 1.89
CA GLY A 138 18.92 16.47 2.23
C GLY A 138 19.34 15.21 2.97
N ASP A 139 20.64 15.16 3.30
CA ASP A 139 21.13 14.08 4.16
C ASP A 139 20.28 13.98 5.40
N ASN A 140 19.56 12.87 5.53
CA ASN A 140 18.54 12.76 6.56
C ASN A 140 19.17 12.42 7.91
N ASP A 141 18.34 12.43 8.95
CA ASP A 141 18.84 12.21 10.30
C ASP A 141 19.33 10.77 10.49
N PHE A 142 18.81 9.83 9.69
CA PHE A 142 19.27 8.45 9.82
C PHE A 142 20.77 8.35 9.56
N CYS A 143 21.24 8.97 8.48
CA CYS A 143 22.66 8.93 8.16
C CYS A 143 23.48 9.59 9.26
N VAL A 144 23.02 10.75 9.75
CA VAL A 144 23.78 11.49 10.74
C VAL A 144 23.91 10.69 12.04
N CYS A 145 22.79 10.19 12.57
CA CYS A 145 22.84 9.42 13.80
C CYS A 145 23.62 8.11 13.62
N LEU A 146 23.44 7.44 12.48
CA LEU A 146 24.19 6.22 12.23
C LEU A 146 25.69 6.47 12.26
N LYS A 147 26.14 7.51 11.54
CA LYS A 147 27.57 7.76 11.44
C LYS A 147 28.13 8.32 12.73
N GLU A 148 27.31 9.00 13.54
CA GLU A 148 27.81 9.47 14.83
C GLU A 148 27.91 8.32 15.82
N SER A 149 27.00 7.33 15.72
CA SER A 149 27.09 6.16 16.58
C SER A 149 28.18 5.18 16.15
N PHE A 150 28.40 5.02 14.85
CA PHE A 150 29.50 4.21 14.33
C PHE A 150 30.26 5.00 13.27
N PRO A 151 31.12 5.94 13.69
CA PRO A 151 32.05 6.55 12.73
C PRO A 151 33.04 5.55 12.16
N ASN A 152 33.22 4.40 12.80
CA ASN A 152 34.07 3.34 12.30
C ASN A 152 33.40 2.46 11.26
N LEU A 153 32.09 2.65 11.03
CA LEU A 153 31.37 1.90 10.00
C LEU A 153 31.74 2.49 8.64
N LYS A 154 32.13 1.61 7.71
CA LYS A 154 32.67 2.06 6.44
C LYS A 154 31.56 2.52 5.49
N THR A 155 30.66 1.61 5.13
CA THR A 155 29.69 1.84 4.07
C THR A 155 28.30 2.05 4.65
N ARG A 156 27.50 2.88 3.98
CA ARG A 156 26.11 3.11 4.36
C ARG A 156 25.15 2.14 3.70
N LYS A 157 25.67 1.16 2.95
CA LYS A 157 24.86 0.11 2.33
C LYS A 157 25.56 -1.21 2.56
N LEU A 158 24.88 -2.13 3.24
CA LEU A 158 25.42 -3.47 3.42
C LEU A 158 24.26 -4.41 3.78
N THR A 159 24.58 -5.63 4.18
CA THR A 159 23.61 -6.72 4.30
C THR A 159 22.63 -6.47 5.44
N ARG A 160 21.40 -6.95 5.24
CA ARG A 160 20.35 -6.74 6.24
C ARG A 160 20.73 -7.29 7.60
N VAL A 161 21.52 -8.35 7.63
CA VAL A 161 21.90 -8.97 8.90
C VAL A 161 22.72 -7.99 9.74
N GLU A 162 23.56 -7.17 9.12
CA GLU A 162 24.27 -6.16 9.89
C GLU A 162 23.43 -4.92 10.12
N TRP A 163 22.43 -4.65 9.27
CA TRP A 163 21.43 -3.64 9.63
C TRP A 163 20.71 -4.01 10.91
N GLY A 164 20.53 -5.30 11.18
CA GLY A 164 20.00 -5.69 12.47
C GLY A 164 20.84 -5.16 13.62
N LYS A 165 22.16 -5.30 13.51
CA LYS A 165 23.06 -4.80 14.55
C LYS A 165 23.05 -3.27 14.60
N ILE A 166 23.15 -2.62 13.45
CA ILE A 166 23.22 -1.16 13.43
C ILE A 166 21.93 -0.56 13.94
N ARG A 167 20.83 -1.31 13.89
CA ARG A 167 19.57 -0.82 14.41
C ARG A 167 19.45 -1.08 15.90
N ARG A 168 19.70 -2.33 16.33
CA ARG A 168 19.65 -2.63 17.77
C ARG A 168 20.58 -1.74 18.56
N LEU A 169 21.76 -1.45 18.03
CA LEU A 169 22.74 -0.61 18.73
C LEU A 169 22.42 0.87 18.64
N MET A 170 21.23 1.21 18.15
CA MET A 170 20.68 2.55 18.28
C MET A 170 19.51 2.61 19.24
N GLY A 171 18.80 1.50 19.45
CA GLY A 171 17.67 1.47 20.35
C GLY A 171 16.48 0.80 19.70
N LYS A 172 15.30 0.89 20.32
CA LYS A 172 14.08 0.37 19.74
C LYS A 172 13.28 1.52 19.14
N PRO A 173 13.10 1.59 17.83
CA PRO A 173 12.30 2.65 17.24
C PRO A 173 10.94 2.77 17.89
N ARG A 174 10.48 4.00 18.07
CA ARG A 174 9.19 4.23 18.70
C ARG A 174 8.05 3.80 17.78
N ARG A 175 7.02 3.23 18.39
CA ARG A 175 5.84 2.83 17.63
C ARG A 175 5.17 4.05 17.00
N CYS A 176 5.22 4.12 15.68
CA CYS A 176 4.68 5.27 14.98
C CYS A 176 3.16 5.19 14.93
N SER A 177 2.51 6.16 15.58
CA SER A 177 1.06 6.09 15.78
C SER A 177 0.47 7.47 15.56
N SER A 178 -0.83 7.59 15.85
CA SER A 178 -1.50 8.89 15.71
C SER A 178 -0.86 9.93 16.61
N ALA A 179 -0.52 9.55 17.85
CA ALA A 179 0.18 10.47 18.74
C ALA A 179 1.55 10.83 18.17
N PHE A 180 2.27 9.85 17.63
CA PHE A 180 3.55 10.15 17.00
C PHE A 180 3.36 11.07 15.81
N PHE A 181 2.32 10.83 15.01
CA PHE A 181 2.11 11.68 13.84
C PHE A 181 1.74 13.10 14.21
N GLU A 182 0.91 13.29 15.25
CA GLU A 182 0.57 14.65 15.64
C GLU A 182 1.78 15.35 16.25
N GLU A 183 2.59 14.62 17.02
CA GLU A 183 3.82 15.19 17.55
C GLU A 183 4.74 15.62 16.41
N GLU A 184 4.91 14.76 15.41
CA GLU A 184 5.82 15.09 14.32
C GLU A 184 5.26 16.18 13.43
N ARG A 185 3.94 16.26 13.30
CA ARG A 185 3.33 17.35 12.55
C ARG A 185 3.51 18.67 13.28
N SER A 186 3.37 18.67 14.61
CA SER A 186 3.68 19.87 15.37
C SER A 186 5.14 20.25 15.21
N ALA A 187 6.04 19.27 15.23
CA ALA A 187 7.45 19.56 15.02
C ALA A 187 7.70 20.13 13.64
N LEU A 188 7.01 19.62 12.62
CA LEU A 188 7.15 20.15 11.28
C LEU A 188 6.63 21.58 11.21
N LYS A 189 5.53 21.85 11.90
CA LYS A 189 5.02 23.21 11.99
C LYS A 189 6.07 24.12 12.61
N GLN A 190 6.72 23.68 13.67
CA GLN A 190 7.77 24.48 14.28
C GLN A 190 8.94 24.68 13.34
N LYS A 191 9.37 23.62 12.64
CA LYS A 191 10.50 23.73 11.73
C LYS A 191 10.21 24.71 10.60
N ARG A 192 9.00 24.67 10.05
CA ARG A 192 8.73 25.49 8.90
C ARG A 192 8.29 26.89 9.31
N GLN A 193 7.80 27.05 10.54
CA GLN A 193 7.72 28.36 11.17
C GLN A 193 9.10 28.99 11.30
N LYS A 194 10.07 28.20 11.79
CA LYS A 194 11.46 28.63 11.80
C LYS A 194 11.91 29.07 10.43
N ILE A 195 11.61 28.28 9.40
CA ILE A 195 12.07 28.62 8.06
C ILE A 195 11.46 29.95 7.62
N ARG A 196 10.14 30.10 7.74
CA ARG A 196 9.54 31.36 7.27
C ARG A 196 10.10 32.53 8.06
N LEU A 197 10.36 32.33 9.36
CA LEU A 197 11.07 33.35 10.13
C LEU A 197 12.43 33.64 9.52
N LEU A 198 13.07 32.63 8.92
CA LEU A 198 14.36 32.84 8.31
C LEU A 198 14.27 33.67 7.04
N GLN A 199 13.20 33.53 6.24
CA GLN A 199 13.23 34.38 5.05
C GLN A 199 12.55 35.74 5.23
N GLN A 200 12.18 36.16 6.45
CA GLN A 200 11.99 37.59 6.62
C GLN A 200 13.30 38.31 6.90
N ARG A 201 14.43 37.68 6.64
CA ARG A 201 15.75 38.20 6.98
C ARG A 201 15.84 38.46 8.48
N LYS A 202 15.57 37.41 9.25
CA LYS A 202 15.59 37.49 10.70
C LYS A 202 16.28 36.28 11.32
N VAL A 203 16.13 36.13 12.64
CA VAL A 203 16.77 35.05 13.38
C VAL A 203 15.72 33.97 13.64
N ALA A 204 16.19 32.81 14.09
CA ALA A 204 15.31 31.65 14.24
C ALA A 204 15.81 30.80 15.41
N ASP A 205 15.34 29.55 15.45
CA ASP A 205 15.59 28.64 16.56
C ASP A 205 17.09 28.40 16.75
N VAL A 206 17.44 27.88 17.93
CA VAL A 206 18.80 27.54 18.34
C VAL A 206 19.46 26.65 17.27
N SER A 207 18.64 25.99 16.45
CA SER A 207 19.10 25.22 15.30
C SER A 207 19.97 24.03 15.72
N GLN A 208 19.35 23.14 16.49
CA GLN A 208 19.95 21.82 16.73
C GLN A 208 19.49 20.78 15.72
N PHE A 209 18.59 21.14 14.80
CA PHE A 209 18.10 20.21 13.80
C PHE A 209 19.22 19.78 12.86
N LYS A 210 19.18 18.52 12.42
CA LYS A 210 20.14 18.00 11.47
C LYS A 210 19.83 18.40 10.03
N ASP A 211 18.66 18.98 9.78
CA ASP A 211 18.30 19.49 8.47
C ASP A 211 18.65 20.97 8.37
N LEU A 212 18.82 21.43 7.13
CA LEU A 212 19.06 22.84 6.79
C LEU A 212 20.18 23.45 7.63
N PRO A 213 21.45 23.04 7.42
CA PRO A 213 22.55 23.65 8.17
C PRO A 213 22.69 25.14 7.89
N ASP A 214 22.85 25.49 6.61
CA ASP A 214 22.83 26.89 6.21
C ASP A 214 22.08 27.16 4.92
N GLU A 215 21.91 26.19 4.03
CA GLU A 215 21.41 26.46 2.67
C GLU A 215 19.88 26.48 2.67
N ILE A 216 19.34 27.45 3.40
CA ILE A 216 17.88 27.62 3.46
C ILE A 216 17.35 28.00 2.08
N PRO A 217 16.23 27.42 1.64
CA PRO A 217 15.64 27.84 0.37
C PRO A 217 15.23 29.31 0.41
N LEU A 218 15.45 30.00 -0.71
CA LEU A 218 15.25 31.43 -0.76
C LEU A 218 13.78 31.79 -0.89
N PRO A 219 13.40 32.99 -0.46
CA PRO A 219 12.05 33.47 -0.76
C PRO A 219 11.87 33.69 -2.25
N LEU A 220 10.63 33.50 -2.70
CA LEU A 220 10.34 33.56 -4.13
C LEU A 220 10.40 35.00 -4.63
N VAL A 221 10.79 35.14 -5.89
CA VAL A 221 10.81 36.42 -6.59
C VAL A 221 9.47 36.57 -7.29
N ILE A 222 9.14 37.81 -7.67
CA ILE A 222 7.92 38.07 -8.42
C ILE A 222 8.18 37.88 -9.90
N GLY A 223 7.30 37.13 -10.57
CA GLY A 223 7.36 36.98 -12.01
C GLY A 223 8.07 35.74 -12.52
N THR A 224 8.33 34.76 -11.67
CA THR A 224 8.95 33.52 -12.13
C THR A 224 7.91 32.42 -12.29
N LYS A 225 8.29 31.36 -13.00
CA LYS A 225 7.43 30.22 -13.22
C LYS A 225 7.60 29.24 -12.07
N VAL A 226 6.48 28.89 -11.43
CA VAL A 226 6.50 27.95 -10.32
C VAL A 226 5.45 26.89 -10.58
N THR A 227 5.60 25.78 -9.87
CA THR A 227 4.72 24.62 -10.00
C THR A 227 3.98 24.42 -8.69
N ALA A 228 2.67 24.38 -8.75
CA ALA A 228 1.86 24.33 -7.54
C ALA A 228 0.64 23.44 -7.77
N ARG A 229 0.04 23.00 -6.67
CA ARG A 229 -1.16 22.19 -6.70
C ARG A 229 -2.38 23.09 -6.55
N LEU A 230 -3.26 23.06 -7.54
CA LEU A 230 -4.51 23.79 -7.51
C LEU A 230 -5.64 22.82 -7.20
N ARG A 231 -6.44 23.18 -6.18
CA ARG A 231 -7.48 22.30 -5.68
C ARG A 231 -8.84 22.93 -5.89
N GLY A 232 -9.84 22.09 -6.18
CA GLY A 232 -11.20 22.56 -6.35
C GLY A 232 -11.85 22.06 -7.62
N VAL A 233 -12.64 22.93 -8.26
CA VAL A 233 -13.36 22.55 -9.48
C VAL A 233 -12.42 22.13 -10.60
N HIS A 234 -11.20 22.66 -10.62
CA HIS A 234 -10.13 22.11 -11.43
C HIS A 234 -9.05 21.59 -10.48
N ASP A 235 -9.11 20.30 -10.18
CA ASP A 235 -8.19 19.67 -9.24
C ASP A 235 -6.95 19.18 -9.96
N GLY A 236 -5.83 19.21 -9.26
CA GLY A 236 -4.60 18.65 -9.77
C GLY A 236 -3.43 19.58 -9.59
N LEU A 237 -2.31 19.19 -10.15
CA LEU A 237 -1.09 19.97 -10.12
C LEU A 237 -0.93 20.69 -11.46
N PHE A 238 -0.55 21.97 -11.41
CA PHE A 238 -0.47 22.79 -12.60
C PHE A 238 0.76 23.68 -12.55
N THR A 239 1.13 24.19 -13.73
CA THR A 239 2.21 25.16 -13.83
C THR A 239 1.62 26.57 -13.88
N GLY A 240 2.35 27.53 -13.31
CA GLY A 240 1.86 28.89 -13.28
C GLY A 240 2.97 29.90 -13.06
N GLN A 241 2.58 31.16 -12.99
CA GLN A 241 3.47 32.28 -12.75
C GLN A 241 3.12 32.92 -11.42
N ILE A 242 4.13 33.40 -10.71
CA ILE A 242 3.97 34.03 -9.41
C ILE A 242 3.77 35.53 -9.61
N ASP A 243 2.91 36.13 -8.78
CA ASP A 243 2.60 37.54 -8.94
C ASP A 243 2.78 38.34 -7.66
N ALA A 244 2.70 37.69 -6.50
CA ALA A 244 2.73 38.42 -5.25
C ALA A 244 3.24 37.53 -4.12
N VAL A 245 3.41 38.15 -2.96
CA VAL A 245 3.87 37.48 -1.75
C VAL A 245 2.97 37.93 -0.61
N ASP A 246 2.64 36.99 0.28
CA ASP A 246 1.92 37.29 1.52
C ASP A 246 2.77 36.75 2.66
N THR A 247 3.72 37.56 3.12
CA THR A 247 4.65 37.12 4.15
C THR A 247 3.97 36.92 5.50
N LEU A 248 2.93 37.72 5.79
CA LEU A 248 2.27 37.65 7.09
C LEU A 248 1.68 36.26 7.33
N ASN A 249 1.02 35.69 6.33
CA ASN A 249 0.40 34.38 6.46
C ASN A 249 1.15 33.32 5.67
N ALA A 250 2.23 33.71 4.98
CA ALA A 250 3.09 32.78 4.24
C ALA A 250 2.31 32.05 3.14
N THR A 251 1.59 32.83 2.33
CA THR A 251 0.97 32.33 1.12
C THR A 251 1.53 33.10 -0.08
N TYR A 252 1.14 32.66 -1.26
CA TYR A 252 1.55 33.31 -2.50
C TYR A 252 0.36 33.47 -3.43
N ARG A 253 0.42 34.51 -4.27
CA ARG A 253 -0.55 34.74 -5.33
C ARG A 253 0.09 34.31 -6.63
N VAL A 254 -0.59 33.43 -7.37
CA VAL A 254 -0.08 32.87 -8.61
C VAL A 254 -1.08 33.10 -9.73
N THR A 255 -0.59 33.25 -10.94
CA THR A 255 -1.39 33.18 -12.16
C THR A 255 -0.89 32.00 -12.97
N PHE A 256 -1.82 31.18 -13.45
CA PHE A 256 -1.43 29.95 -14.12
C PHE A 256 -1.27 30.18 -15.62
N ASP A 257 -0.42 29.36 -16.24
CA ASP A 257 -0.26 29.40 -17.68
C ASP A 257 -1.37 28.65 -18.40
N ARG A 258 -2.22 27.94 -17.66
CA ARG A 258 -3.39 27.30 -18.25
C ARG A 258 -4.53 28.30 -18.32
N THR A 259 -5.01 28.58 -19.53
CA THR A 259 -6.10 29.53 -19.70
C THR A 259 -7.38 28.96 -19.11
N GLY A 260 -8.23 29.84 -18.59
CA GLY A 260 -9.47 29.43 -17.96
C GLY A 260 -9.37 29.15 -16.48
N LEU A 261 -8.17 29.23 -15.90
CA LEU A 261 -7.99 28.98 -14.48
C LEU A 261 -7.76 30.25 -13.66
N GLY A 262 -7.00 31.20 -14.19
CA GLY A 262 -6.90 32.51 -13.58
C GLY A 262 -5.90 32.65 -12.44
N THR A 263 -6.29 33.40 -11.41
CA THR A 263 -5.40 33.79 -10.32
C THR A 263 -5.94 33.22 -9.01
N HIS A 264 -5.07 32.57 -8.25
CA HIS A 264 -5.45 31.97 -6.98
C HIS A 264 -4.32 32.12 -5.98
N THR A 265 -4.66 32.00 -4.69
CA THR A 265 -3.68 32.03 -3.62
C THR A 265 -3.34 30.60 -3.21
N ILE A 266 -2.05 30.33 -3.04
CA ILE A 266 -1.56 29.00 -2.70
C ILE A 266 -0.47 29.14 -1.63
N PRO A 267 -0.55 28.38 -0.54
CA PRO A 267 0.43 28.51 0.53
C PRO A 267 1.85 28.27 0.05
N ASP A 268 2.81 28.69 0.88
CA ASP A 268 4.22 28.55 0.52
C ASP A 268 4.62 27.09 0.39
N TYR A 269 4.01 26.22 1.18
CA TYR A 269 4.36 24.81 1.22
C TYR A 269 3.57 23.97 0.24
N GLU A 270 3.08 24.55 -0.86
CA GLU A 270 2.50 23.79 -1.96
C GLU A 270 2.94 24.34 -3.31
N VAL A 271 4.11 24.95 -3.38
CA VAL A 271 4.61 25.55 -4.61
C VAL A 271 6.03 25.08 -4.86
N LEU A 272 6.36 24.79 -6.12
CA LEU A 272 7.68 24.33 -6.51
C LEU A 272 8.20 25.21 -7.66
N SER A 273 9.45 25.63 -7.55
CA SER A 273 10.06 26.52 -8.54
C SER A 273 10.82 25.71 -9.58
N ASN A 274 10.42 25.84 -10.85
CA ASN A 274 11.03 25.02 -11.90
C ASN A 274 12.47 25.39 -12.16
N GLU A 275 12.79 26.69 -12.19
CA GLU A 275 14.15 27.12 -12.48
C GLU A 275 15.08 26.61 -11.36
N PRO A 276 16.37 26.48 -11.63
CA PRO A 276 17.24 25.68 -10.75
C PRO A 276 17.21 26.18 -9.31
N HIS A 277 17.21 25.23 -8.38
CA HIS A 277 17.06 25.53 -6.96
C HIS A 277 18.16 26.46 -6.48
N GLU A 278 17.78 27.43 -5.65
CA GLU A 278 18.68 28.46 -5.16
C GLU A 278 18.91 28.23 -3.67
N THR A 279 20.17 28.09 -3.27
CA THR A 279 20.55 27.92 -1.87
C THR A 279 21.51 29.03 -1.45
N MET A 280 21.20 29.70 -0.34
CA MET A 280 22.05 30.74 0.22
C MET A 280 22.17 30.52 1.73
N PRO A 281 23.35 30.76 2.31
CA PRO A 281 23.54 30.48 3.74
C PRO A 281 22.62 31.27 4.64
N ILE A 282 22.34 30.69 5.81
CA ILE A 282 21.51 31.35 6.82
C ILE A 282 22.14 32.67 7.26
N ALA A 283 23.47 32.76 7.18
CA ALA A 283 24.14 34.02 7.53
C ALA A 283 23.60 35.18 6.71
N ALA A 284 23.18 34.92 5.48
CA ALA A 284 22.48 35.95 4.70
C ALA A 284 21.06 36.18 5.22
N PHE A 285 20.41 35.12 5.71
CA PHE A 285 19.05 35.25 6.24
C PHE A 285 19.03 35.97 7.58
N GLY A 286 20.19 36.20 8.20
CA GLY A 286 20.25 36.89 9.48
C GLY A 286 21.38 36.40 10.36
N PHE B 8 -15.14 20.68 1.84
CA PHE B 8 -14.70 21.82 2.64
C PHE B 8 -13.34 21.53 3.27
N ASP B 9 -13.25 20.44 4.02
CA ASP B 9 -12.02 20.03 4.67
C ASP B 9 -11.15 19.15 3.78
N ASP B 10 -11.55 18.95 2.52
CA ASP B 10 -10.76 18.12 1.62
C ASP B 10 -9.36 18.69 1.40
N ALA B 11 -9.20 19.99 1.60
CA ALA B 11 -7.86 20.57 1.54
C ALA B 11 -7.04 20.18 2.77
N VAL B 12 -7.62 20.30 3.96
CA VAL B 12 -6.85 20.02 5.17
C VAL B 12 -6.61 18.53 5.34
N GLU B 13 -7.56 17.69 4.94
CA GLU B 13 -7.35 16.25 5.05
C GLU B 13 -6.27 15.78 4.10
N GLU B 14 -6.30 16.26 2.86
CA GLU B 14 -5.20 15.98 1.94
C GLU B 14 -3.88 16.50 2.47
N ARG B 15 -3.89 17.68 3.09
CA ARG B 15 -2.66 18.26 3.62
C ARG B 15 -2.08 17.39 4.73
N VAL B 16 -2.93 16.96 5.66
CA VAL B 16 -2.43 16.15 6.78
C VAL B 16 -1.97 14.79 6.28
N ILE B 17 -2.64 14.22 5.29
CA ILE B 17 -2.16 12.96 4.70
C ILE B 17 -0.79 13.16 4.08
N ASN B 18 -0.61 14.28 3.36
CA ASN B 18 0.67 14.55 2.74
C ASN B 18 1.77 14.66 3.77
N GLU B 19 1.53 15.42 4.84
CA GLU B 19 2.55 15.58 5.86
C GLU B 19 2.86 14.26 6.55
N GLU B 20 1.83 13.48 6.88
CA GLU B 20 2.08 12.20 7.54
C GLU B 20 2.89 11.27 6.66
N TYR B 21 2.56 11.21 5.37
CA TYR B 21 3.32 10.34 4.48
C TYR B 21 4.76 10.82 4.35
N LYS B 22 4.98 12.13 4.23
CA LYS B 22 6.35 12.61 4.12
C LYS B 22 7.15 12.29 5.37
N ILE B 23 6.54 12.44 6.55
CA ILE B 23 7.24 12.11 7.80
C ILE B 23 7.56 10.62 7.85
N TRP B 24 6.62 9.78 7.42
CA TRP B 24 6.86 8.35 7.43
C TRP B 24 7.96 7.97 6.46
N LYS B 25 7.98 8.60 5.29
CA LYS B 25 9.08 8.41 4.37
C LYS B 25 10.41 8.87 4.96
N LYS B 26 10.39 9.93 5.78
CA LYS B 26 11.64 10.41 6.37
C LYS B 26 12.17 9.45 7.42
N ASN B 27 11.31 8.98 8.32
CA ASN B 27 11.75 8.12 9.42
C ASN B 27 11.44 6.65 9.18
N THR B 28 11.33 6.25 7.92
CA THR B 28 11.23 4.83 7.61
C THR B 28 12.43 3.96 8.00
N PRO B 29 13.70 4.35 7.79
CA PRO B 29 14.77 3.34 7.89
C PRO B 29 14.85 2.70 9.26
N PHE B 30 14.43 3.40 10.30
CA PHE B 30 14.37 2.81 11.62
C PHE B 30 13.35 1.69 11.69
N LEU B 31 12.24 1.84 10.98
CA LEU B 31 11.05 1.02 11.21
C LEU B 31 10.96 -0.22 10.32
N TYR B 32 11.67 -0.25 9.20
CA TYR B 32 11.48 -1.30 8.21
C TYR B 32 12.81 -1.92 7.82
N ASP B 33 12.84 -3.26 7.76
CA ASP B 33 13.96 -3.93 7.11
C ASP B 33 13.87 -3.83 5.59
N LEU B 34 12.66 -3.66 5.07
CA LEU B 34 12.46 -3.72 3.63
C LEU B 34 11.09 -3.14 3.29
N VAL B 35 11.07 -2.19 2.35
CA VAL B 35 9.83 -1.73 1.75
C VAL B 35 10.02 -1.65 0.25
N MET B 36 8.97 -1.98 -0.50
CA MET B 36 8.90 -1.68 -1.92
C MET B 36 7.57 -1.00 -2.18
N THR B 37 7.62 0.21 -2.72
CA THR B 37 6.42 0.92 -3.15
C THR B 37 6.29 0.78 -4.65
N HIS B 38 5.28 0.06 -5.10
CA HIS B 38 5.07 -0.17 -6.52
C HIS B 38 3.67 0.30 -6.89
N ALA B 39 3.57 1.02 -8.00
CA ALA B 39 2.31 1.59 -8.45
C ALA B 39 1.73 0.68 -9.54
N LEU B 40 0.51 0.22 -9.32
CA LEU B 40 -0.16 -0.67 -10.26
C LEU B 40 -0.88 0.15 -11.33
N GLU B 41 -1.50 -0.56 -12.26
CA GLU B 41 -2.26 0.11 -13.31
C GLU B 41 -3.69 0.40 -12.86
N TRP B 42 -4.24 -0.46 -12.02
CA TRP B 42 -5.60 -0.29 -11.53
C TRP B 42 -5.65 -0.79 -10.09
N PRO B 43 -6.50 -0.20 -9.26
CA PRO B 43 -6.50 -0.59 -7.84
C PRO B 43 -6.97 -2.01 -7.67
N SER B 44 -6.42 -2.67 -6.66
CA SER B 44 -6.75 -4.06 -6.36
C SER B 44 -7.53 -4.14 -5.06
N LEU B 45 -8.68 -4.80 -5.11
CA LEU B 45 -9.41 -5.13 -3.89
C LEU B 45 -8.99 -6.47 -3.31
N THR B 46 -7.82 -6.97 -3.70
CA THR B 46 -7.39 -8.28 -3.26
C THR B 46 -5.88 -8.39 -3.34
N ALA B 47 -5.34 -9.37 -2.64
CA ALA B 47 -3.93 -9.73 -2.68
C ALA B 47 -3.76 -11.04 -1.94
N GLN B 48 -2.88 -11.90 -2.46
CA GLN B 48 -2.62 -13.18 -1.80
C GLN B 48 -1.30 -13.71 -2.31
N TRP B 49 -0.35 -13.94 -1.41
CA TRP B 49 0.92 -14.52 -1.83
C TRP B 49 0.71 -15.96 -2.28
N LEU B 50 1.28 -16.28 -3.42
CA LEU B 50 1.14 -17.66 -3.85
C LEU B 50 2.15 -18.54 -3.12
N PRO B 51 1.76 -19.74 -2.72
CA PRO B 51 2.63 -20.55 -1.85
C PRO B 51 3.96 -20.92 -2.48
N ASP B 52 4.05 -21.02 -3.80
CA ASP B 52 5.26 -21.48 -4.44
C ASP B 52 6.36 -20.42 -4.37
N VAL B 53 7.58 -20.87 -4.13
CA VAL B 53 8.75 -20.01 -4.11
C VAL B 53 9.85 -20.69 -4.92
N THR B 54 10.53 -19.90 -5.75
CA THR B 54 11.65 -20.39 -6.54
C THR B 54 12.87 -19.53 -6.24
N ARG B 55 14.00 -20.17 -6.02
CA ARG B 55 15.24 -19.47 -5.68
C ARG B 55 16.29 -19.73 -6.75
N PRO B 56 16.63 -18.73 -7.56
CA PRO B 56 17.71 -18.92 -8.54
C PRO B 56 19.04 -19.21 -7.84
N GLU B 57 19.83 -20.06 -8.47
CA GLU B 57 21.05 -20.55 -7.84
C GLU B 57 22.13 -19.48 -7.87
N GLY B 58 22.71 -19.19 -6.70
CA GLY B 58 23.76 -18.20 -6.62
C GLY B 58 23.28 -16.77 -6.63
N LYS B 59 21.98 -16.55 -6.59
CA LYS B 59 21.40 -15.20 -6.64
C LYS B 59 20.72 -14.91 -5.32
N ASP B 60 20.94 -13.70 -4.80
CA ASP B 60 20.52 -13.33 -3.46
C ASP B 60 19.03 -13.04 -3.34
N PHE B 61 18.25 -13.32 -4.38
CA PHE B 61 16.83 -12.96 -4.37
C PHE B 61 15.99 -14.16 -4.76
N SER B 62 14.90 -14.37 -4.05
CA SER B 62 13.90 -15.35 -4.41
C SER B 62 12.91 -14.71 -5.38
N ILE B 63 12.03 -15.54 -5.93
CA ILE B 63 11.03 -15.09 -6.88
C ILE B 63 9.68 -15.59 -6.38
N HIS B 64 8.98 -14.76 -5.61
CA HIS B 64 7.66 -15.08 -5.12
C HIS B 64 6.61 -14.71 -6.14
N ARG B 65 5.35 -14.80 -5.74
CA ARG B 65 4.28 -14.59 -6.71
C ARG B 65 2.99 -14.21 -5.99
N LEU B 66 2.29 -13.23 -6.54
CA LEU B 66 1.09 -12.66 -5.95
C LEU B 66 -0.06 -12.68 -6.95
N VAL B 67 -1.28 -12.83 -6.44
CA VAL B 67 -2.49 -12.84 -7.25
C VAL B 67 -3.17 -11.50 -7.09
N LEU B 68 -3.44 -10.83 -8.21
CA LEU B 68 -3.95 -9.47 -8.20
C LEU B 68 -5.18 -9.34 -9.08
N GLY B 69 -6.11 -8.50 -8.62
CA GLY B 69 -7.24 -8.11 -9.43
C GLY B 69 -7.22 -6.62 -9.68
N THR B 70 -8.03 -6.17 -10.62
CA THR B 70 -8.11 -4.77 -10.96
C THR B 70 -9.51 -4.24 -10.71
N HIS B 71 -9.59 -2.97 -10.32
CA HIS B 71 -10.86 -2.28 -10.14
C HIS B 71 -10.92 -1.19 -11.21
N THR B 72 -11.47 -1.53 -12.36
CA THR B 72 -11.55 -0.61 -13.48
C THR B 72 -12.98 -0.07 -13.56
N SER B 73 -13.10 1.17 -14.06
CA SER B 73 -14.41 1.80 -14.11
C SER B 73 -15.38 1.01 -14.98
N ASP B 74 -15.12 0.96 -16.28
CA ASP B 74 -16.02 0.27 -17.20
C ASP B 74 -15.32 -0.71 -18.12
N GLU B 75 -14.12 -0.38 -18.59
CA GLU B 75 -13.47 -1.17 -19.63
C GLU B 75 -12.79 -2.40 -19.02
N GLN B 76 -11.93 -3.03 -19.80
CA GLN B 76 -11.40 -4.34 -19.48
C GLN B 76 -10.75 -4.37 -18.10
N ASN B 77 -11.15 -5.33 -17.28
CA ASN B 77 -10.48 -5.67 -16.05
C ASN B 77 -9.52 -6.84 -16.29
N HIS B 78 -8.86 -7.29 -15.24
CA HIS B 78 -7.97 -8.44 -15.39
C HIS B 78 -7.85 -9.17 -14.08
N LEU B 79 -7.50 -10.44 -14.18
CA LEU B 79 -6.90 -11.17 -13.07
C LEU B 79 -5.41 -11.22 -13.33
N VAL B 80 -4.63 -10.71 -12.39
CA VAL B 80 -3.20 -10.53 -12.58
C VAL B 80 -2.46 -11.44 -11.61
N ILE B 81 -1.38 -12.04 -12.09
CA ILE B 81 -0.53 -12.90 -11.27
C ILE B 81 0.89 -12.36 -11.41
N ALA B 82 1.25 -11.44 -10.54
CA ALA B 82 2.53 -10.77 -10.60
C ALA B 82 3.57 -11.54 -9.81
N SER B 83 4.82 -11.38 -10.20
CA SER B 83 5.95 -12.01 -9.51
C SER B 83 6.80 -10.94 -8.86
N VAL B 84 6.88 -10.98 -7.53
CA VAL B 84 7.64 -10.01 -6.76
C VAL B 84 8.92 -10.68 -6.31
N GLN B 85 10.06 -10.10 -6.66
CA GLN B 85 11.34 -10.67 -6.30
C GLN B 85 11.79 -10.12 -4.96
N LEU B 86 11.99 -11.00 -4.00
CA LEU B 86 12.38 -10.65 -2.64
C LEU B 86 13.80 -11.11 -2.39
N PRO B 87 14.54 -10.39 -1.54
CA PRO B 87 15.93 -10.78 -1.29
C PRO B 87 16.05 -11.88 -0.24
N ASN B 88 17.14 -12.63 -0.32
CA ASN B 88 17.44 -13.64 0.68
C ASN B 88 18.04 -12.98 1.91
N ASP B 89 18.49 -13.80 2.86
CA ASP B 89 19.15 -13.27 4.05
C ASP B 89 20.57 -12.80 3.77
N ASP B 90 21.17 -13.22 2.67
CA ASP B 90 22.47 -12.72 2.25
C ASP B 90 22.35 -11.54 1.28
N ALA B 91 21.26 -10.77 1.41
CA ALA B 91 21.01 -9.67 0.50
C ALA B 91 22.03 -8.56 0.69
N GLN B 92 22.24 -7.78 -0.37
CA GLN B 92 23.23 -6.70 -0.41
C GLN B 92 22.52 -5.44 -0.89
N PHE B 93 22.01 -4.65 0.05
CA PHE B 93 21.26 -3.46 -0.33
C PHE B 93 21.46 -2.30 0.63
N ASP B 94 20.65 -1.26 0.50
CA ASP B 94 20.82 0.00 1.21
C ASP B 94 19.57 0.26 2.04
N ALA B 95 19.74 1.04 3.12
CA ALA B 95 18.64 1.36 4.01
C ALA B 95 18.67 2.80 4.52
N SER B 96 19.20 3.73 3.73
CA SER B 96 19.33 5.11 4.21
C SER B 96 18.04 5.90 4.03
N HIS B 97 17.30 5.59 2.97
CA HIS B 97 16.11 6.35 2.57
C HIS B 97 15.31 5.45 1.63
N TYR B 98 14.30 5.95 0.92
CA TYR B 98 13.81 4.99 -0.06
C TYR B 98 14.64 4.97 -1.32
N ASP B 99 14.28 5.74 -2.33
CA ASP B 99 15.27 6.04 -3.35
C ASP B 99 14.96 7.36 -4.02
N SER B 100 13.68 7.50 -4.41
CA SER B 100 13.24 8.50 -5.37
C SER B 100 14.17 8.56 -6.59
N GLU B 101 14.92 7.49 -6.85
CA GLU B 101 15.98 7.51 -7.86
C GLU B 101 16.01 6.32 -8.80
N LYS B 102 15.74 5.10 -8.36
CA LYS B 102 15.80 3.95 -9.25
C LYS B 102 14.41 3.54 -9.71
N GLY B 103 14.35 3.11 -10.96
CA GLY B 103 13.09 2.84 -11.62
C GLY B 103 12.43 1.51 -11.30
N GLU B 104 12.37 1.15 -10.05
CA GLU B 104 11.54 -0.02 -9.79
C GLU B 104 10.55 0.19 -8.65
N PHE B 105 10.92 0.91 -7.60
CA PHE B 105 10.17 0.85 -6.36
C PHE B 105 10.65 1.94 -5.40
N GLY B 106 10.00 2.02 -4.25
CA GLY B 106 10.48 2.83 -3.15
C GLY B 106 11.50 2.06 -2.32
N GLY B 107 12.71 2.59 -2.27
CA GLY B 107 13.89 1.83 -1.92
C GLY B 107 13.89 1.01 -0.64
N PHE B 108 14.29 -0.25 -0.80
CA PHE B 108 14.94 -1.18 0.13
C PHE B 108 15.13 -2.49 -0.63
N GLY B 109 15.85 -3.44 -0.03
CA GLY B 109 15.95 -4.75 -0.62
C GLY B 109 16.77 -4.79 -1.89
N SER B 110 16.82 -5.96 -2.52
CA SER B 110 17.73 -6.19 -3.63
C SER B 110 17.46 -5.24 -4.79
N VAL B 111 18.52 -4.93 -5.54
CA VAL B 111 18.40 -4.12 -6.74
C VAL B 111 17.49 -4.83 -7.72
N SER B 112 17.49 -6.16 -7.67
CA SER B 112 16.55 -6.94 -8.48
C SER B 112 15.26 -7.19 -7.70
N GLY B 113 14.72 -6.10 -7.15
CA GLY B 113 13.39 -6.14 -6.59
C GLY B 113 12.47 -5.40 -7.53
N LYS B 114 11.68 -6.13 -8.30
CA LYS B 114 10.97 -5.55 -9.43
C LYS B 114 9.73 -6.39 -9.72
N ILE B 115 8.57 -5.83 -9.38
CA ILE B 115 7.33 -6.51 -9.71
C ILE B 115 7.16 -6.49 -11.22
N GLU B 116 7.03 -7.66 -11.82
CA GLU B 116 6.80 -7.79 -13.25
C GLU B 116 5.60 -8.68 -13.47
N ILE B 117 4.60 -8.18 -14.19
CA ILE B 117 3.39 -8.93 -14.44
C ILE B 117 3.72 -10.17 -15.26
N GLU B 118 3.08 -11.29 -14.92
CA GLU B 118 3.26 -12.51 -15.69
C GLU B 118 2.00 -12.96 -16.42
N ILE B 119 0.85 -13.02 -15.75
CA ILE B 119 -0.37 -13.49 -16.38
C ILE B 119 -1.46 -12.44 -16.19
N LYS B 120 -2.06 -12.01 -17.30
CA LYS B 120 -3.28 -11.23 -17.28
C LYS B 120 -4.37 -12.06 -17.95
N ILE B 121 -5.56 -12.05 -17.37
CA ILE B 121 -6.67 -12.87 -17.84
C ILE B 121 -7.94 -12.03 -17.87
N ASN B 122 -8.73 -12.20 -18.92
CA ASN B 122 -10.01 -11.50 -19.02
C ASN B 122 -10.85 -11.79 -17.78
N HIS B 123 -11.52 -10.78 -17.27
CA HIS B 123 -12.38 -10.94 -16.11
C HIS B 123 -13.50 -9.92 -16.19
N GLU B 124 -14.74 -10.40 -16.12
CA GLU B 124 -15.90 -9.55 -16.33
C GLU B 124 -16.16 -8.70 -15.09
N GLY B 125 -16.10 -7.38 -15.25
CA GLY B 125 -16.22 -6.48 -14.13
C GLY B 125 -14.97 -6.49 -13.28
N GLU B 126 -15.01 -5.71 -12.21
CA GLU B 126 -13.87 -5.63 -11.31
C GLU B 126 -13.70 -6.93 -10.56
N VAL B 127 -12.47 -7.19 -10.12
CA VAL B 127 -12.15 -8.39 -9.35
C VAL B 127 -12.28 -8.01 -7.87
N ASN B 128 -13.38 -8.44 -7.25
CA ASN B 128 -13.60 -8.09 -5.85
C ASN B 128 -12.61 -8.83 -4.94
N ARG B 129 -12.48 -10.14 -5.13
CA ARG B 129 -11.57 -10.93 -4.31
C ARG B 129 -11.16 -12.16 -5.08
N ALA B 130 -9.88 -12.52 -4.99
CA ALA B 130 -9.33 -13.68 -5.68
C ALA B 130 -8.52 -14.51 -4.71
N ARG B 131 -9.03 -15.68 -4.37
CA ARG B 131 -8.34 -16.61 -3.47
C ARG B 131 -8.01 -17.88 -4.24
N TYR B 132 -6.77 -18.31 -4.14
CA TYR B 132 -6.35 -19.55 -4.79
C TYR B 132 -6.78 -20.74 -3.94
N MET B 133 -6.85 -21.91 -4.57
CA MET B 133 -7.25 -23.11 -3.85
C MET B 133 -6.01 -23.85 -3.38
N PRO B 134 -5.91 -24.19 -2.10
CA PRO B 134 -4.63 -24.67 -1.56
C PRO B 134 -4.12 -25.95 -2.22
N GLN B 135 -5.02 -26.86 -2.60
CA GLN B 135 -4.56 -28.15 -3.12
C GLN B 135 -3.98 -28.04 -4.53
N ASN B 136 -4.22 -26.94 -5.23
CA ASN B 136 -3.59 -26.69 -6.52
C ASN B 136 -3.53 -25.19 -6.77
N PRO B 137 -2.39 -24.55 -6.56
CA PRO B 137 -2.30 -23.10 -6.78
C PRO B 137 -2.52 -22.71 -8.23
N CYS B 138 -2.71 -23.71 -9.10
CA CYS B 138 -3.13 -23.42 -10.47
C CYS B 138 -4.55 -22.86 -10.51
N ILE B 139 -5.45 -23.40 -9.70
CA ILE B 139 -6.85 -22.98 -9.71
C ILE B 139 -7.02 -21.78 -8.81
N ILE B 140 -7.77 -20.79 -9.29
CA ILE B 140 -8.02 -19.56 -8.55
C ILE B 140 -9.48 -19.19 -8.70
N ALA B 141 -10.13 -18.86 -7.58
CA ALA B 141 -11.49 -18.35 -7.59
C ALA B 141 -11.46 -16.83 -7.64
N THR B 142 -12.53 -16.24 -8.17
CA THR B 142 -12.67 -14.79 -8.20
C THR B 142 -14.09 -14.41 -7.82
N LYS B 143 -14.24 -13.18 -7.33
CA LYS B 143 -15.52 -12.63 -6.93
C LYS B 143 -15.89 -11.49 -7.87
N THR B 144 -17.03 -11.60 -8.52
CA THR B 144 -17.44 -10.60 -9.49
C THR B 144 -18.50 -9.68 -8.89
N PRO B 145 -18.60 -8.44 -9.40
CA PRO B 145 -19.68 -7.56 -8.95
C PRO B 145 -21.06 -8.05 -9.37
N SER B 146 -21.14 -8.93 -10.36
CA SER B 146 -22.42 -9.49 -10.76
C SER B 146 -22.80 -10.60 -9.78
N SER B 147 -23.86 -11.33 -10.08
CA SER B 147 -24.38 -12.32 -9.14
C SER B 147 -23.41 -13.47 -8.95
N ASP B 148 -22.79 -13.95 -10.01
CA ASP B 148 -22.09 -15.22 -9.99
C ASP B 148 -20.67 -15.08 -9.48
N VAL B 149 -20.10 -16.21 -9.06
CA VAL B 149 -18.70 -16.29 -8.60
C VAL B 149 -17.94 -17.18 -9.58
N LEU B 150 -16.86 -16.66 -10.13
CA LEU B 150 -16.12 -17.38 -11.17
C LEU B 150 -14.96 -18.15 -10.56
N VAL B 151 -14.48 -19.12 -11.32
CA VAL B 151 -13.32 -19.93 -10.96
C VAL B 151 -12.41 -20.04 -12.17
N PHE B 152 -11.12 -19.83 -11.97
CA PHE B 152 -10.17 -19.79 -13.07
C PHE B 152 -9.05 -20.80 -12.85
N ASP B 153 -8.44 -21.21 -13.97
CA ASP B 153 -7.15 -21.90 -13.98
C ASP B 153 -6.26 -21.10 -14.92
N TYR B 154 -5.11 -20.64 -14.42
CA TYR B 154 -4.26 -19.84 -15.27
C TYR B 154 -3.30 -20.68 -16.11
N THR B 155 -3.23 -21.98 -15.88
CA THR B 155 -2.48 -22.84 -16.78
C THR B 155 -3.17 -22.96 -18.14
N LYS B 156 -4.50 -22.97 -18.15
CA LYS B 156 -5.29 -23.10 -19.37
C LYS B 156 -5.50 -21.78 -20.08
N HIS B 157 -4.70 -20.76 -19.78
CA HIS B 157 -4.88 -19.46 -20.40
C HIS B 157 -3.53 -18.92 -20.88
N PRO B 158 -3.54 -18.13 -21.97
CA PRO B 158 -2.29 -17.54 -22.43
C PRO B 158 -1.77 -16.51 -21.43
N SER B 159 -0.44 -16.40 -21.37
CA SER B 159 0.17 -15.43 -20.48
C SER B 159 -0.25 -14.01 -20.84
N LYS B 160 -0.24 -13.68 -22.13
CA LYS B 160 -0.78 -12.42 -22.60
C LYS B 160 -2.22 -12.63 -23.04
N PRO B 161 -3.19 -11.89 -22.51
CA PRO B 161 -4.58 -12.12 -22.89
C PRO B 161 -4.82 -11.83 -24.36
N ASP B 162 -5.72 -12.60 -24.94
CA ASP B 162 -6.13 -12.36 -26.31
C ASP B 162 -7.12 -11.20 -26.35
N PRO B 163 -6.90 -10.19 -27.19
CA PRO B 163 -7.79 -9.02 -27.20
C PRO B 163 -9.23 -9.33 -27.62
N SER B 164 -9.57 -10.59 -27.89
CA SER B 164 -10.96 -10.93 -28.19
C SER B 164 -11.86 -10.70 -26.97
N GLY B 165 -11.29 -10.69 -25.77
CA GLY B 165 -12.04 -10.35 -24.58
C GLY B 165 -12.97 -11.42 -24.07
N GLU B 166 -12.73 -12.69 -24.40
CA GLU B 166 -13.59 -13.77 -23.94
C GLU B 166 -13.18 -14.18 -22.53
N CYS B 167 -14.12 -14.08 -21.59
CA CYS B 167 -13.90 -14.63 -20.26
C CYS B 167 -14.03 -16.14 -20.34
N ASN B 168 -12.95 -16.85 -20.04
CA ASN B 168 -12.87 -18.31 -20.22
C ASN B 168 -12.62 -19.02 -18.88
N PRO B 169 -13.52 -18.86 -17.92
CA PRO B 169 -13.31 -19.54 -16.64
C PRO B 169 -13.40 -21.05 -16.83
N ASP B 170 -12.61 -21.77 -16.04
CA ASP B 170 -12.76 -23.22 -16.02
C ASP B 170 -14.16 -23.61 -15.57
N LEU B 171 -14.68 -22.92 -14.55
CA LEU B 171 -16.06 -23.09 -14.12
C LEU B 171 -16.66 -21.72 -13.86
N ARG B 172 -17.99 -21.65 -13.96
CA ARG B 172 -18.75 -20.48 -13.56
C ARG B 172 -19.76 -20.93 -12.53
N LEU B 173 -19.66 -20.40 -11.31
CA LEU B 173 -20.45 -20.88 -10.19
C LEU B 173 -21.59 -19.91 -9.92
N ARG B 174 -22.79 -20.46 -9.77
CA ARG B 174 -23.99 -19.67 -9.55
C ARG B 174 -24.62 -20.04 -8.22
N GLY B 175 -25.56 -19.22 -7.77
CA GLY B 175 -26.25 -19.48 -6.53
C GLY B 175 -26.56 -18.24 -5.72
N HIS B 176 -26.03 -17.10 -6.14
CA HIS B 176 -26.28 -15.85 -5.45
C HIS B 176 -27.39 -15.06 -6.14
N GLN B 177 -27.69 -13.90 -5.57
CA GLN B 177 -28.57 -12.92 -6.18
C GLN B 177 -27.95 -11.54 -6.29
N LYS B 178 -26.91 -11.26 -5.53
CA LYS B 178 -26.20 -9.98 -5.58
C LYS B 178 -24.71 -10.28 -5.46
N GLU B 179 -23.92 -9.25 -5.23
CA GLU B 179 -22.48 -9.44 -5.10
C GLU B 179 -22.10 -9.57 -3.63
N GLY B 180 -20.82 -9.76 -3.39
CA GLY B 180 -20.32 -9.90 -2.03
C GLY B 180 -18.82 -9.85 -2.01
N TYR B 181 -18.26 -10.17 -0.84
CA TYR B 181 -16.81 -10.10 -0.69
C TYR B 181 -16.24 -11.37 -0.08
N GLY B 182 -17.01 -12.03 0.77
CA GLY B 182 -16.55 -13.24 1.41
C GLY B 182 -16.31 -14.36 0.42
N LEU B 183 -15.13 -14.98 0.48
CA LEU B 183 -14.79 -16.09 -0.40
C LEU B 183 -13.59 -16.80 0.16
N SER B 184 -13.72 -18.09 0.45
CA SER B 184 -12.58 -18.85 0.95
C SER B 184 -12.76 -20.33 0.61
N TRP B 185 -11.64 -20.98 0.33
CA TRP B 185 -11.61 -22.42 0.09
C TRP B 185 -11.46 -23.16 1.40
N ASN B 186 -11.82 -24.43 1.39
CA ASN B 186 -11.48 -25.31 2.50
C ASN B 186 -10.05 -25.81 2.30
N PRO B 187 -9.12 -25.47 3.19
CA PRO B 187 -7.73 -25.90 2.99
C PRO B 187 -7.53 -27.40 3.10
N ASN B 188 -8.47 -28.13 3.69
CA ASN B 188 -8.32 -29.56 3.91
C ASN B 188 -8.92 -30.43 2.81
N LEU B 189 -10.10 -30.06 2.31
CA LEU B 189 -10.81 -30.86 1.32
C LEU B 189 -10.81 -30.13 -0.01
N SER B 190 -10.27 -30.77 -1.04
CA SER B 190 -10.12 -30.14 -2.34
C SER B 190 -11.48 -29.80 -2.96
N GLY B 191 -11.60 -28.59 -3.46
CA GLY B 191 -12.74 -28.18 -4.25
C GLY B 191 -13.87 -27.53 -3.50
N HIS B 192 -13.84 -27.54 -2.17
CA HIS B 192 -14.91 -26.94 -1.37
C HIS B 192 -14.69 -25.44 -1.28
N LEU B 193 -15.58 -24.67 -1.89
CA LEU B 193 -15.45 -23.22 -1.93
C LEU B 193 -16.69 -22.58 -1.30
N LEU B 194 -16.47 -21.68 -0.35
CA LEU B 194 -17.52 -20.85 0.22
C LEU B 194 -17.45 -19.44 -0.34
N SER B 195 -18.62 -18.87 -0.60
CA SER B 195 -18.73 -17.47 -0.98
C SER B 195 -19.79 -16.80 -0.12
N ALA B 196 -19.60 -15.51 0.11
CA ALA B 196 -20.54 -14.69 0.85
C ALA B 196 -20.94 -13.50 -0.01
N SER B 197 -22.22 -13.15 0.02
CA SER B 197 -22.74 -12.09 -0.83
C SER B 197 -23.70 -11.22 -0.04
N ASP B 198 -24.19 -10.18 -0.71
CA ASP B 198 -25.10 -9.24 -0.09
C ASP B 198 -26.48 -9.85 0.16
N ASP B 199 -26.79 -10.98 -0.46
CA ASP B 199 -28.12 -11.58 -0.38
C ASP B 199 -28.37 -12.30 0.93
N HIS B 200 -27.53 -12.08 1.93
CA HIS B 200 -27.66 -12.64 3.27
C HIS B 200 -27.47 -14.14 3.32
N THR B 201 -26.92 -14.75 2.26
CA THR B 201 -26.83 -16.19 2.17
C THR B 201 -25.37 -16.62 2.00
N ILE B 202 -25.01 -17.70 2.69
CA ILE B 202 -23.72 -18.36 2.51
C ILE B 202 -23.95 -19.56 1.61
N CYS B 203 -23.59 -19.42 0.34
CA CYS B 203 -23.69 -20.52 -0.61
C CYS B 203 -22.40 -21.33 -0.60
N LEU B 204 -22.54 -22.64 -0.65
CA LEU B 204 -21.41 -23.56 -0.64
C LEU B 204 -21.34 -24.28 -1.97
N TRP B 205 -20.16 -24.32 -2.56
CA TRP B 205 -19.92 -25.06 -3.78
C TRP B 205 -18.89 -26.15 -3.53
N ASP B 206 -18.92 -27.18 -4.37
CA ASP B 206 -17.83 -28.14 -4.45
C ASP B 206 -17.52 -28.34 -5.93
N ILE B 207 -16.25 -28.18 -6.29
CA ILE B 207 -15.83 -28.30 -7.68
C ILE B 207 -15.02 -29.55 -7.95
N SER B 208 -14.56 -30.25 -6.92
CA SER B 208 -13.86 -31.50 -7.13
C SER B 208 -14.75 -32.57 -7.76
N ALA B 209 -16.07 -32.42 -7.67
CA ALA B 209 -16.99 -33.41 -8.19
C ALA B 209 -17.91 -32.81 -9.25
N VAL B 210 -17.34 -32.05 -10.17
CA VAL B 210 -18.12 -31.48 -11.27
C VAL B 210 -17.69 -32.12 -12.58
N PRO B 211 -18.57 -32.21 -13.58
CA PRO B 211 -18.16 -32.73 -14.88
C PRO B 211 -17.20 -31.78 -15.58
N LYS B 212 -16.37 -32.35 -16.46
CA LYS B 212 -15.53 -31.51 -17.30
C LYS B 212 -16.33 -30.88 -18.44
N GLU B 213 -17.52 -31.43 -18.72
CA GLU B 213 -18.38 -30.86 -19.75
C GLU B 213 -19.25 -29.73 -19.23
N GLY B 214 -19.57 -29.74 -17.94
CA GLY B 214 -20.37 -28.67 -17.37
C GLY B 214 -19.51 -27.49 -16.98
N LYS B 215 -19.75 -26.35 -17.64
CA LYS B 215 -19.02 -25.13 -17.36
C LYS B 215 -19.76 -24.19 -16.42
N VAL B 216 -20.96 -24.55 -15.98
CA VAL B 216 -21.68 -23.83 -14.95
C VAL B 216 -22.11 -24.83 -13.88
N VAL B 217 -21.94 -24.45 -12.62
CA VAL B 217 -22.16 -25.36 -11.49
C VAL B 217 -23.04 -24.67 -10.47
N ASP B 218 -24.11 -25.35 -10.05
CA ASP B 218 -24.96 -24.83 -9.00
C ASP B 218 -24.28 -24.94 -7.65
N ALA B 219 -24.78 -24.17 -6.69
CA ALA B 219 -24.30 -24.27 -5.32
C ALA B 219 -24.73 -25.60 -4.71
N LYS B 220 -23.83 -26.22 -3.96
CA LYS B 220 -24.19 -27.45 -3.26
C LYS B 220 -25.24 -27.20 -2.21
N THR B 221 -25.08 -26.15 -1.42
CA THR B 221 -26.01 -25.82 -0.35
C THR B 221 -25.99 -24.31 -0.14
N ILE B 222 -27.06 -23.80 0.47
CA ILE B 222 -27.19 -22.38 0.77
C ILE B 222 -27.56 -22.23 2.23
N PHE B 223 -26.86 -21.35 2.94
CA PHE B 223 -27.11 -21.10 4.35
C PHE B 223 -27.73 -19.72 4.51
N THR B 224 -28.88 -19.65 5.18
CA THR B 224 -29.64 -18.41 5.32
C THR B 224 -29.64 -17.90 6.75
N GLY B 225 -28.59 -18.20 7.51
CA GLY B 225 -28.56 -17.81 8.92
C GLY B 225 -28.53 -16.30 9.11
N HIS B 226 -27.72 -15.61 8.33
CA HIS B 226 -27.61 -14.16 8.47
C HIS B 226 -28.89 -13.48 8.02
N THR B 227 -29.16 -12.31 8.61
CA THR B 227 -30.29 -11.49 8.22
C THR B 227 -29.88 -10.17 7.59
N ALA B 228 -28.68 -9.68 7.90
CA ALA B 228 -28.13 -8.48 7.29
C ALA B 228 -27.13 -8.89 6.21
N VAL B 229 -26.45 -7.90 5.64
CA VAL B 229 -25.48 -8.17 4.59
C VAL B 229 -24.31 -8.95 5.17
N VAL B 230 -23.98 -10.08 4.54
CA VAL B 230 -22.83 -10.88 4.94
C VAL B 230 -21.57 -10.25 4.38
N GLU B 231 -20.53 -10.17 5.21
CA GLU B 231 -19.30 -9.49 4.81
C GLU B 231 -18.14 -10.43 4.53
N ASP B 232 -17.95 -11.48 5.32
CA ASP B 232 -16.83 -12.37 5.06
C ASP B 232 -17.11 -13.71 5.70
N VAL B 233 -16.42 -14.73 5.19
CA VAL B 233 -16.59 -16.11 5.63
C VAL B 233 -15.24 -16.81 5.53
N SER B 234 -14.98 -17.74 6.45
CA SER B 234 -13.70 -18.42 6.45
C SER B 234 -13.85 -19.81 7.06
N TRP B 235 -13.18 -20.78 6.44
CA TRP B 235 -13.13 -22.14 6.95
C TRP B 235 -12.20 -22.24 8.15
N HIS B 236 -12.42 -23.27 8.96
CA HIS B 236 -11.46 -23.60 9.99
C HIS B 236 -10.19 -24.17 9.35
N LEU B 237 -9.07 -23.98 10.04
CA LEU B 237 -7.78 -24.37 9.48
C LEU B 237 -7.31 -25.75 9.94
N LEU B 238 -8.07 -26.42 10.81
CA LEU B 238 -7.76 -27.79 11.15
C LEU B 238 -8.98 -28.69 10.99
N HIS B 239 -10.16 -28.16 11.27
CA HIS B 239 -11.41 -28.88 11.06
C HIS B 239 -11.90 -28.60 9.65
N GLU B 240 -12.08 -29.65 8.85
CA GLU B 240 -12.51 -29.48 7.47
C GLU B 240 -13.98 -29.14 7.36
N SER B 241 -14.76 -29.30 8.43
CA SER B 241 -16.21 -29.17 8.37
C SER B 241 -16.73 -28.00 9.18
N LEU B 242 -15.86 -27.12 9.66
CA LEU B 242 -16.27 -26.01 10.52
C LEU B 242 -15.84 -24.70 9.87
N PHE B 243 -16.76 -23.75 9.80
CA PHE B 243 -16.44 -22.44 9.25
C PHE B 243 -17.28 -21.38 9.94
N GLY B 244 -16.72 -20.18 10.04
CA GLY B 244 -17.42 -19.08 10.64
C GLY B 244 -17.72 -17.99 9.63
N SER B 245 -18.65 -17.10 9.97
CA SER B 245 -18.99 -16.00 9.10
C SER B 245 -19.40 -14.81 9.93
N VAL B 246 -19.18 -13.61 9.37
CA VAL B 246 -19.54 -12.35 10.01
C VAL B 246 -20.40 -11.56 9.04
N ALA B 247 -21.18 -10.64 9.59
CA ALA B 247 -22.11 -9.89 8.75
C ALA B 247 -22.36 -8.51 9.36
N ASP B 248 -23.17 -7.73 8.64
CA ASP B 248 -23.56 -6.41 9.12
C ASP B 248 -24.40 -6.49 10.38
N ASP B 249 -25.00 -7.64 10.65
CA ASP B 249 -25.91 -7.83 11.78
C ASP B 249 -25.17 -7.93 13.10
N GLN B 250 -23.89 -7.58 13.12
CA GLN B 250 -23.06 -7.59 14.31
C GLN B 250 -22.93 -8.99 14.90
N LYS B 251 -23.27 -10.02 14.13
CA LYS B 251 -23.36 -11.38 14.61
C LYS B 251 -22.28 -12.24 13.97
N LEU B 252 -21.43 -12.83 14.79
CA LEU B 252 -20.52 -13.89 14.39
C LEU B 252 -21.24 -15.21 14.59
N MET B 253 -21.36 -16.00 13.53
CA MET B 253 -21.97 -17.32 13.63
C MET B 253 -21.00 -18.38 13.14
N ILE B 254 -20.95 -19.48 13.87
CA ILE B 254 -20.10 -20.62 13.55
C ILE B 254 -20.98 -21.71 12.95
N TRP B 255 -20.59 -22.24 11.81
CA TRP B 255 -21.36 -23.22 11.09
C TRP B 255 -20.65 -24.56 11.06
N ASP B 256 -21.43 -25.63 11.02
CA ASP B 256 -20.93 -26.98 10.87
C ASP B 256 -21.60 -27.63 9.68
N THR B 257 -20.79 -28.23 8.79
CA THR B 257 -21.35 -28.81 7.57
C THR B 257 -22.17 -30.06 7.88
N ARG B 258 -21.74 -30.84 8.87
CA ARG B 258 -22.46 -32.07 9.21
C ARG B 258 -23.91 -31.80 9.61
N SER B 259 -24.20 -30.59 10.09
CA SER B 259 -25.56 -30.27 10.51
C SER B 259 -26.54 -30.41 9.35
N ASN B 260 -27.61 -31.17 9.59
CA ASN B 260 -28.71 -31.21 8.64
C ASN B 260 -29.47 -29.90 8.58
N ASN B 261 -29.30 -29.03 9.57
CA ASN B 261 -29.94 -27.72 9.60
C ASN B 261 -28.96 -26.71 9.00
N THR B 262 -29.20 -26.32 7.76
CA THR B 262 -28.40 -25.30 7.10
C THR B 262 -28.96 -23.90 7.27
N SER B 263 -30.11 -23.76 7.92
CA SER B 263 -30.73 -22.46 8.15
C SER B 263 -30.58 -21.97 9.58
N LYS B 264 -29.97 -22.77 10.46
CA LYS B 264 -29.69 -22.36 11.83
C LYS B 264 -28.24 -22.70 12.13
N PRO B 265 -27.44 -21.74 12.59
CA PRO B 265 -26.04 -22.02 12.89
C PRO B 265 -25.87 -22.81 14.18
N SER B 266 -24.66 -23.35 14.34
CA SER B 266 -24.33 -24.03 15.60
C SER B 266 -24.07 -23.03 16.72
N HIS B 267 -23.44 -21.90 16.39
CA HIS B 267 -23.18 -20.85 17.37
C HIS B 267 -23.58 -19.51 16.78
N SER B 268 -23.86 -18.56 17.67
CA SER B 268 -24.25 -17.20 17.27
C SER B 268 -23.82 -16.25 18.38
N VAL B 269 -23.02 -15.25 18.02
CA VAL B 269 -22.42 -14.33 18.98
C VAL B 269 -22.59 -12.91 18.49
N ASP B 270 -23.06 -12.03 19.36
CA ASP B 270 -23.13 -10.60 19.06
C ASP B 270 -21.77 -10.00 19.38
N ALA B 271 -20.83 -10.20 18.44
CA ALA B 271 -19.43 -9.90 18.70
C ALA B 271 -19.21 -8.41 18.93
N HIS B 272 -19.77 -7.56 18.08
CA HIS B 272 -19.50 -6.14 18.14
C HIS B 272 -20.80 -5.35 18.18
N THR B 273 -20.67 -4.05 18.43
CA THR B 273 -21.78 -3.13 18.41
C THR B 273 -21.94 -2.44 17.07
N ALA B 274 -21.17 -2.85 16.06
CA ALA B 274 -21.20 -2.21 14.76
C ALA B 274 -21.08 -3.28 13.68
N GLU B 275 -20.91 -2.83 12.45
CA GLU B 275 -20.66 -3.72 11.33
C GLU B 275 -19.39 -4.52 11.55
N VAL B 276 -19.42 -5.79 11.14
CA VAL B 276 -18.27 -6.69 11.22
C VAL B 276 -17.86 -7.06 9.80
N ASN B 277 -16.60 -6.79 9.47
CA ASN B 277 -16.15 -6.92 8.09
C ASN B 277 -15.21 -8.09 7.83
N CYS B 278 -14.67 -8.73 8.86
CA CYS B 278 -13.61 -9.69 8.62
C CYS B 278 -13.44 -10.62 9.81
N LEU B 279 -12.95 -11.82 9.52
CA LEU B 279 -12.60 -12.81 10.53
C LEU B 279 -11.44 -13.63 9.99
N SER B 280 -10.71 -14.27 10.92
CA SER B 280 -9.56 -15.07 10.53
C SER B 280 -9.22 -16.04 11.64
N PHE B 281 -9.18 -17.33 11.30
CA PHE B 281 -8.85 -18.35 12.28
C PHE B 281 -7.34 -18.43 12.50
N ASN B 282 -6.97 -18.76 13.73
CA ASN B 282 -5.55 -18.87 14.07
C ASN B 282 -5.00 -20.17 13.50
N PRO B 283 -3.99 -20.12 12.62
CA PRO B 283 -3.54 -21.34 11.94
C PRO B 283 -2.75 -22.30 12.81
N TYR B 284 -2.39 -21.91 14.04
CA TYR B 284 -1.70 -22.82 14.95
C TYR B 284 -2.57 -23.27 16.11
N SER B 285 -3.30 -22.36 16.74
CA SER B 285 -4.28 -22.73 17.75
C SER B 285 -5.62 -22.90 17.07
N GLU B 286 -6.13 -24.12 17.04
CA GLU B 286 -7.42 -24.36 16.41
C GLU B 286 -8.56 -23.90 17.26
N PHE B 287 -8.29 -23.18 18.35
CA PHE B 287 -9.32 -22.75 19.28
C PHE B 287 -9.50 -21.25 19.32
N ILE B 288 -8.71 -20.49 18.56
CA ILE B 288 -8.67 -19.04 18.63
C ILE B 288 -9.03 -18.47 17.27
N LEU B 289 -9.80 -17.38 17.28
CA LEU B 289 -10.04 -16.62 16.06
C LEU B 289 -10.29 -15.18 16.44
N ALA B 290 -10.12 -14.29 15.47
CA ALA B 290 -10.26 -12.87 15.70
C ALA B 290 -11.18 -12.27 14.64
N THR B 291 -11.74 -11.11 14.96
CA THR B 291 -12.57 -10.37 14.02
C THR B 291 -12.30 -8.89 14.12
N GLY B 292 -12.46 -8.19 13.01
CA GLY B 292 -12.41 -6.74 12.96
C GLY B 292 -13.79 -6.22 12.61
N SER B 293 -14.06 -4.98 13.01
CA SER B 293 -15.42 -4.49 12.91
C SER B 293 -15.43 -2.98 12.80
N ALA B 294 -16.60 -2.45 12.43
CA ALA B 294 -16.79 -1.02 12.25
C ALA B 294 -16.73 -0.23 13.55
N ASP B 295 -16.77 -0.91 14.71
CA ASP B 295 -16.59 -0.20 15.97
C ASP B 295 -15.13 0.05 16.29
N LYS B 296 -14.26 -0.06 15.29
CA LYS B 296 -12.84 0.28 15.39
C LYS B 296 -12.09 -0.59 16.40
N THR B 297 -12.65 -1.75 16.75
CA THR B 297 -12.01 -2.65 17.70
C THR B 297 -11.89 -4.04 17.09
N VAL B 298 -10.80 -4.74 17.41
CA VAL B 298 -10.54 -6.08 16.92
C VAL B 298 -10.78 -7.05 18.07
N ALA B 299 -11.77 -7.91 17.92
CA ALA B 299 -12.22 -8.79 18.99
C ALA B 299 -11.64 -10.18 18.83
N LEU B 300 -10.74 -10.55 19.72
CA LEU B 300 -10.23 -11.91 19.79
C LEU B 300 -11.32 -12.80 20.35
N TRP B 301 -11.21 -14.11 20.07
CA TRP B 301 -12.19 -15.06 20.56
C TRP B 301 -11.56 -16.42 20.82
N ASP B 302 -12.22 -17.20 21.68
CA ASP B 302 -11.84 -18.56 21.97
C ASP B 302 -13.00 -19.47 21.63
N LEU B 303 -12.74 -20.51 20.85
CA LEU B 303 -13.81 -21.37 20.34
C LEU B 303 -14.43 -22.25 21.41
N ARG B 304 -13.74 -22.47 22.54
CA ARG B 304 -14.30 -23.31 23.58
C ARG B 304 -15.29 -22.58 24.47
N ASN B 305 -15.44 -21.27 24.32
CA ASN B 305 -16.47 -20.52 25.04
C ASN B 305 -16.75 -19.24 24.27
N LEU B 306 -17.90 -19.18 23.64
CA LEU B 306 -18.28 -18.04 22.82
C LEU B 306 -19.17 -17.04 23.55
N LYS B 307 -19.20 -17.09 24.89
CA LYS B 307 -19.96 -16.09 25.62
C LYS B 307 -19.07 -14.96 26.13
N LEU B 308 -17.79 -15.22 26.30
CA LEU B 308 -16.83 -14.23 26.78
C LEU B 308 -15.84 -13.91 25.67
N LYS B 309 -15.67 -12.61 25.40
CA LYS B 309 -14.70 -12.17 24.41
C LYS B 309 -13.31 -12.21 25.03
N LEU B 310 -12.41 -12.98 24.42
CA LEU B 310 -11.13 -13.28 25.07
C LEU B 310 -10.33 -12.01 25.32
N HIS B 311 -10.26 -11.11 24.35
CA HIS B 311 -9.51 -9.88 24.52
C HIS B 311 -9.97 -8.87 23.48
N SER B 312 -9.55 -7.62 23.67
CA SER B 312 -9.95 -6.52 22.81
C SER B 312 -8.74 -5.71 22.38
N PHE B 313 -8.78 -5.19 21.17
CA PHE B 313 -7.75 -4.32 20.64
C PHE B 313 -8.40 -3.03 20.15
N GLU B 314 -7.74 -1.91 20.40
CA GLU B 314 -8.23 -0.59 20.00
C GLU B 314 -7.12 0.13 19.26
N SER B 315 -7.30 1.44 19.07
CA SER B 315 -6.39 2.40 18.44
C SER B 315 -6.50 2.46 16.92
N HIS B 316 -7.34 1.66 16.28
CA HIS B 316 -7.81 2.03 14.95
C HIS B 316 -8.75 3.21 15.07
N LYS B 317 -8.50 4.25 14.27
CA LYS B 317 -9.34 5.43 14.32
C LYS B 317 -10.58 5.31 13.45
N ASP B 318 -10.64 4.33 12.56
CA ASP B 318 -11.74 4.18 11.61
C ASP B 318 -12.09 2.70 11.51
N GLU B 319 -12.89 2.37 10.50
CA GLU B 319 -13.39 1.01 10.31
C GLU B 319 -12.24 0.03 10.11
N ILE B 320 -12.60 -1.26 10.15
CA ILE B 320 -11.66 -2.35 9.88
C ILE B 320 -12.25 -3.22 8.77
N PHE B 321 -11.45 -3.52 7.76
CA PHE B 321 -11.88 -4.32 6.63
C PHE B 321 -11.10 -5.62 6.42
N GLN B 322 -10.13 -5.92 7.28
CA GLN B 322 -9.33 -7.11 7.06
C GLN B 322 -8.61 -7.46 8.36
N VAL B 323 -8.36 -8.74 8.54
CA VAL B 323 -7.54 -9.22 9.65
C VAL B 323 -6.90 -10.53 9.22
N GLN B 324 -5.60 -10.67 9.44
CA GLN B 324 -4.88 -11.85 9.00
C GLN B 324 -3.92 -12.30 10.09
N TRP B 325 -4.07 -13.54 10.52
CA TRP B 325 -3.12 -14.12 11.44
C TRP B 325 -1.79 -14.36 10.74
N SER B 326 -0.72 -14.34 11.51
CA SER B 326 0.59 -14.63 10.96
C SER B 326 0.69 -16.11 10.60
N PRO B 327 1.44 -16.45 9.55
CA PRO B 327 1.64 -17.86 9.20
C PRO B 327 2.84 -18.50 9.88
N HIS B 328 3.69 -17.71 10.53
CA HIS B 328 4.88 -18.22 11.20
C HIS B 328 4.80 -18.16 12.71
N ASN B 329 4.08 -17.19 13.27
CA ASN B 329 3.96 -17.06 14.71
C ASN B 329 2.48 -17.04 15.07
N GLU B 330 2.10 -17.85 16.06
CA GLU B 330 0.69 -17.93 16.45
C GLU B 330 0.24 -16.71 17.22
N THR B 331 1.15 -15.88 17.68
CA THR B 331 0.81 -14.75 18.54
C THR B 331 0.70 -13.43 17.80
N ILE B 332 0.76 -13.44 16.47
CA ILE B 332 0.79 -12.22 15.68
C ILE B 332 -0.40 -12.20 14.73
N LEU B 333 -1.02 -11.03 14.61
CA LEU B 333 -2.02 -10.80 13.57
C LEU B 333 -2.03 -9.32 13.22
N ALA B 334 -2.54 -9.01 12.04
CA ALA B 334 -2.58 -7.65 11.55
C ALA B 334 -3.98 -7.33 11.06
N SER B 335 -4.32 -6.04 11.06
CA SER B 335 -5.64 -5.60 10.62
C SER B 335 -5.49 -4.29 9.85
N SER B 336 -6.52 -3.97 9.08
CA SER B 336 -6.55 -2.73 8.30
C SER B 336 -8.00 -2.37 8.01
N GLY B 337 -8.22 -1.11 7.67
CA GLY B 337 -9.55 -0.62 7.40
C GLY B 337 -9.53 0.69 6.65
N THR B 338 -10.64 1.44 6.75
CA THR B 338 -10.73 2.73 6.07
C THR B 338 -9.64 3.67 6.55
N ASP B 339 -9.28 3.60 7.83
CA ASP B 339 -8.12 4.34 8.30
C ASP B 339 -6.88 3.87 7.56
N ARG B 340 -6.02 4.81 7.25
CA ARG B 340 -4.92 4.57 6.34
C ARG B 340 -3.81 3.72 6.96
N ARG B 341 -4.04 3.12 8.11
CA ARG B 341 -2.97 2.47 8.86
C ARG B 341 -3.24 0.97 8.95
N LEU B 342 -2.17 0.19 8.96
CA LEU B 342 -2.23 -1.26 9.16
C LEU B 342 -1.50 -1.57 10.45
N ASN B 343 -2.22 -2.12 11.42
CA ASN B 343 -1.69 -2.37 12.75
C ASN B 343 -1.32 -3.84 12.88
N VAL B 344 -0.26 -4.12 13.63
CA VAL B 344 0.22 -5.48 13.85
C VAL B 344 0.19 -5.74 15.36
N TRP B 345 -0.59 -6.74 15.77
CA TRP B 345 -0.78 -7.05 17.17
C TRP B 345 0.06 -8.24 17.59
N ASP B 346 0.28 -8.36 18.90
CA ASP B 346 1.01 -9.46 19.48
C ASP B 346 0.25 -9.96 20.69
N LEU B 347 -0.25 -11.19 20.61
CA LEU B 347 -1.04 -11.73 21.71
C LEU B 347 -0.21 -11.86 22.98
N SER B 348 1.03 -12.32 22.85
CA SER B 348 1.85 -12.61 24.02
C SER B 348 2.12 -11.38 24.87
N LYS B 349 1.97 -10.18 24.31
CA LYS B 349 2.24 -8.96 25.05
C LYS B 349 1.04 -8.46 25.84
N ILE B 350 -0.10 -9.16 25.77
CA ILE B 350 -1.28 -8.72 26.48
C ILE B 350 -1.04 -8.73 27.98
N GLY B 351 -1.39 -7.64 28.64
CA GLY B 351 -1.24 -7.54 30.08
C GLY B 351 0.08 -6.99 30.55
N GLU B 352 1.02 -6.74 29.65
CA GLU B 352 2.30 -6.19 30.05
C GLU B 352 2.15 -4.72 30.44
N GLU B 353 2.97 -4.28 31.38
CA GLU B 353 2.93 -2.91 31.87
C GLU B 353 3.99 -2.07 31.18
N GLN B 354 3.56 -1.24 30.24
CA GLN B 354 4.44 -0.37 29.48
C GLN B 354 4.71 0.90 30.26
N SER B 355 5.61 1.72 29.73
CA SER B 355 5.91 2.99 30.37
C SER B 355 4.67 3.88 30.36
N PRO B 356 4.55 4.82 31.31
CA PRO B 356 3.27 5.56 31.44
C PRO B 356 2.85 6.29 30.18
N GLU B 357 3.78 6.88 29.44
CA GLU B 357 3.39 7.68 28.27
C GLU B 357 2.94 6.80 27.10
N ASP B 358 3.67 5.70 26.85
CA ASP B 358 3.46 4.93 25.62
C ASP B 358 2.04 4.42 25.44
N ALA B 359 1.18 4.52 26.46
CA ALA B 359 -0.23 4.25 26.26
C ALA B 359 -0.84 5.20 25.25
N GLU B 360 -0.22 6.37 25.05
CA GLU B 360 -0.69 7.29 24.02
C GLU B 360 -0.49 6.71 22.63
N ASP B 361 0.67 6.06 22.39
CA ASP B 361 0.87 5.40 21.11
C ASP B 361 -0.11 4.27 20.89
N GLY B 362 -0.38 3.47 21.92
CA GLY B 362 -1.31 2.38 21.82
C GLY B 362 -1.14 1.40 22.96
N PRO B 363 -2.00 0.39 23.01
CA PRO B 363 -1.92 -0.62 24.07
C PRO B 363 -0.58 -1.31 24.06
N PRO B 364 -0.22 -2.01 25.14
CA PRO B 364 1.11 -2.62 25.21
C PRO B 364 1.36 -3.67 24.15
N GLU B 365 0.31 -4.26 23.58
CA GLU B 365 0.48 -5.30 22.58
C GLU B 365 0.53 -4.78 21.16
N LEU B 366 0.19 -3.53 20.93
CA LEU B 366 0.27 -2.97 19.58
C LEU B 366 1.72 -2.94 19.18
N LEU B 367 2.10 -3.83 18.27
CA LEU B 367 3.50 -4.09 17.98
C LEU B 367 4.07 -3.18 16.90
N PHE B 368 3.25 -2.74 15.96
CA PHE B 368 3.72 -1.90 14.87
C PHE B 368 2.53 -1.36 14.11
N ILE B 369 2.67 -0.12 13.63
CA ILE B 369 1.66 0.52 12.81
C ILE B 369 2.29 0.93 11.49
N HIS B 370 1.62 0.62 10.39
CA HIS B 370 2.13 0.89 9.05
C HIS B 370 1.51 2.18 8.54
N GLY B 371 2.35 3.17 8.28
CA GLY B 371 1.91 4.43 7.73
C GLY B 371 2.24 4.59 6.27
N GLY B 372 2.07 3.52 5.50
CA GLY B 372 2.54 3.48 4.14
C GLY B 372 1.53 3.71 3.06
N HIS B 373 0.26 3.94 3.39
CA HIS B 373 -0.78 4.04 2.39
C HIS B 373 -1.58 5.33 2.56
N THR B 374 -1.78 6.04 1.45
CA THR B 374 -2.49 7.31 1.44
C THR B 374 -3.99 7.14 1.24
N ALA B 375 -4.47 5.91 1.15
CA ALA B 375 -5.89 5.67 0.94
C ALA B 375 -6.27 4.39 1.63
N LYS B 376 -7.57 4.09 1.61
CA LYS B 376 -8.11 2.89 2.20
C LYS B 376 -7.32 1.67 1.74
N ILE B 377 -6.83 0.88 2.69
CA ILE B 377 -6.09 -0.33 2.39
C ILE B 377 -7.10 -1.43 2.09
N SER B 378 -7.19 -1.82 0.83
CA SER B 378 -8.21 -2.78 0.43
C SER B 378 -7.99 -4.14 1.07
N ASP B 379 -6.78 -4.68 0.95
CA ASP B 379 -6.54 -6.04 1.40
C ASP B 379 -5.02 -6.24 1.44
N PHE B 380 -4.60 -7.28 2.15
CA PHE B 380 -3.18 -7.58 2.33
C PHE B 380 -3.05 -9.04 2.73
N SER B 381 -1.83 -9.55 2.65
CA SER B 381 -1.62 -10.94 3.04
C SER B 381 -0.16 -11.16 3.40
N TRP B 382 0.07 -12.00 4.40
CA TRP B 382 1.41 -12.40 4.77
C TRP B 382 2.01 -13.34 3.74
N ASN B 383 3.32 -13.28 3.57
CA ASN B 383 4.01 -14.25 2.75
C ASN B 383 4.17 -15.54 3.52
N PRO B 384 3.64 -16.66 3.03
CA PRO B 384 3.75 -17.92 3.80
C PRO B 384 5.12 -18.55 3.77
N ASN B 385 6.03 -18.08 2.92
CA ASN B 385 7.36 -18.67 2.82
C ASN B 385 8.43 -17.86 3.52
N GLU B 386 8.48 -16.54 3.29
CA GLU B 386 9.44 -15.68 3.95
C GLU B 386 8.77 -15.02 5.14
N PRO B 387 9.23 -15.25 6.37
CA PRO B 387 8.49 -14.79 7.55
C PRO B 387 8.34 -13.28 7.59
N TRP B 388 7.12 -12.85 7.93
CA TRP B 388 6.86 -11.47 8.35
C TRP B 388 7.14 -10.47 7.24
N VAL B 389 6.77 -10.84 6.01
CA VAL B 389 6.78 -9.94 4.86
C VAL B 389 5.35 -9.83 4.36
N ILE B 390 4.85 -8.62 4.26
CA ILE B 390 3.44 -8.39 3.98
C ILE B 390 3.30 -7.52 2.74
N CYS B 391 2.35 -7.88 1.88
CA CYS B 391 2.01 -7.10 0.70
C CYS B 391 0.63 -6.48 0.92
N SER B 392 0.58 -5.15 0.95
CA SER B 392 -0.66 -4.43 1.17
C SER B 392 -0.97 -3.57 -0.05
N VAL B 393 -2.21 -3.66 -0.52
CA VAL B 393 -2.69 -2.86 -1.63
C VAL B 393 -3.71 -1.88 -1.10
N SER B 394 -3.88 -0.76 -1.82
CA SER B 394 -4.77 0.30 -1.37
C SER B 394 -5.46 0.93 -2.57
N GLU B 395 -6.50 1.73 -2.28
CA GLU B 395 -7.31 2.31 -3.33
C GLU B 395 -6.57 3.36 -4.15
N ASP B 396 -5.37 3.75 -3.74
CA ASP B 396 -4.60 4.76 -4.46
C ASP B 396 -3.62 4.16 -5.45
N ASN B 397 -3.95 3.00 -6.02
CA ASN B 397 -3.13 2.37 -7.05
C ASN B 397 -1.72 2.05 -6.58
N ILE B 398 -1.56 1.62 -5.34
CA ILE B 398 -0.25 1.34 -4.77
C ILE B 398 -0.24 -0.08 -4.21
N MET B 399 0.82 -0.80 -4.54
CA MET B 399 1.06 -2.14 -4.05
C MET B 399 2.38 -2.12 -3.29
N GLN B 400 2.29 -2.12 -1.97
CA GLN B 400 3.47 -2.11 -1.12
C GLN B 400 3.73 -3.50 -0.59
N VAL B 401 4.99 -3.94 -0.68
CA VAL B 401 5.46 -5.11 0.03
C VAL B 401 6.54 -4.64 0.99
N TRP B 402 6.41 -5.00 2.25
CA TRP B 402 7.29 -4.45 3.26
C TRP B 402 7.55 -5.48 4.35
N GLN B 403 8.66 -5.30 5.04
CA GLN B 403 9.05 -6.16 6.15
C GLN B 403 9.55 -5.27 7.27
N MET B 404 8.88 -5.33 8.42
CA MET B 404 9.24 -4.45 9.53
C MET B 404 10.65 -4.72 10.01
N ALA B 405 11.22 -3.72 10.67
CA ALA B 405 12.60 -3.84 11.14
C ALA B 405 12.74 -5.00 12.12
N GLU B 406 13.91 -5.63 12.10
CA GLU B 406 14.08 -6.88 12.81
C GLU B 406 13.96 -6.69 14.32
N ASN B 407 14.47 -5.58 14.84
CA ASN B 407 14.62 -5.46 16.29
C ASN B 407 13.30 -5.31 17.03
N ILE B 408 12.19 -5.03 16.34
CA ILE B 408 10.92 -4.89 17.07
C ILE B 408 10.45 -6.23 17.60
N TYR B 409 10.55 -7.29 16.80
CA TYR B 409 9.98 -8.56 17.20
C TYR B 409 10.97 -9.46 17.94
N ASN B 410 12.18 -8.99 18.18
CA ASN B 410 13.21 -9.81 18.84
C ASN B 410 13.72 -9.04 20.06
N ASP B 411 13.60 -9.65 21.23
CA ASP B 411 14.10 -9.08 22.48
C ASP B 411 15.36 -9.85 22.86
N GLU B 412 16.49 -9.40 22.33
CA GLU B 412 17.78 -10.03 22.62
C GLU B 412 18.23 -9.68 24.04
N LEU C 84 1.90 15.21 -27.09
CA LEU C 84 1.84 16.36 -27.99
C LEU C 84 2.53 16.04 -29.31
N ALA C 85 3.86 15.90 -29.26
CA ALA C 85 4.66 15.60 -30.45
C ALA C 85 4.73 14.10 -30.61
N GLU C 86 3.84 13.54 -31.41
CA GLU C 86 3.80 12.10 -31.62
C GLU C 86 5.04 11.63 -32.37
N GLY C 87 5.56 10.47 -31.96
CA GLY C 87 6.75 9.90 -32.57
C GLY C 87 6.49 9.54 -34.03
N ARG C 91 12.90 4.81 -36.16
CA ARG C 91 11.82 5.24 -35.28
C ARG C 91 12.20 5.10 -33.82
N SER C 92 11.24 5.37 -32.93
CA SER C 92 11.43 5.28 -31.49
C SER C 92 12.55 6.18 -31.00
N ASN C 93 12.83 7.26 -31.75
CA ASN C 93 13.81 8.24 -31.30
C ASN C 93 13.32 8.98 -30.06
N THR C 94 12.05 9.36 -30.05
CA THR C 94 11.47 10.13 -28.96
C THR C 94 9.96 10.09 -29.09
N TYR C 95 9.27 9.74 -28.01
CA TYR C 95 7.81 9.82 -27.96
C TYR C 95 7.44 10.67 -26.76
N VAL C 96 6.75 11.79 -27.02
CA VAL C 96 6.32 12.71 -25.98
C VAL C 96 4.81 12.87 -26.06
N ILE C 97 4.14 12.73 -24.92
CA ILE C 97 2.71 12.94 -24.81
C ILE C 97 2.47 13.99 -23.74
N LYS C 98 1.71 15.02 -24.08
CA LYS C 98 1.35 16.06 -23.12
C LYS C 98 0.09 15.63 -22.38
N LEU C 99 0.22 15.43 -21.07
CA LEU C 99 -0.90 15.03 -20.23
C LEU C 99 -0.86 15.83 -18.96
N PHE C 100 -1.96 16.51 -18.65
CA PHE C 100 -2.05 17.41 -17.50
C PHE C 100 -0.93 18.44 -17.50
N ASP C 101 -0.67 19.01 -18.67
CA ASP C 101 0.30 20.10 -18.85
C ASP C 101 1.72 19.69 -18.48
N ARG C 102 2.04 18.40 -18.53
CA ARG C 102 3.39 17.92 -18.27
C ARG C 102 3.89 17.10 -19.46
N SER C 103 5.19 16.92 -19.52
CA SER C 103 5.85 16.23 -20.62
C SER C 103 6.66 15.05 -20.09
N VAL C 104 6.62 13.94 -20.83
CA VAL C 104 7.36 12.73 -20.45
C VAL C 104 7.87 12.07 -21.73
N ASP C 105 9.10 11.54 -21.67
CA ASP C 105 9.76 10.93 -22.81
C ASP C 105 9.58 9.42 -22.73
N LEU C 106 8.71 8.88 -23.59
CA LEU C 106 8.35 7.47 -23.51
C LEU C 106 9.29 6.55 -24.27
N ALA C 107 10.24 7.08 -25.03
CA ALA C 107 11.17 6.23 -25.76
C ALA C 107 12.09 5.46 -24.83
N GLN C 108 12.26 5.93 -23.60
CA GLN C 108 13.13 5.26 -22.64
C GLN C 108 12.52 3.98 -22.08
N PHE C 109 11.20 3.83 -22.16
CA PHE C 109 10.48 2.78 -21.45
C PHE C 109 9.98 1.73 -22.42
N SER C 110 10.29 0.46 -22.13
CA SER C 110 9.76 -0.65 -22.89
C SER C 110 8.41 -1.06 -22.33
N GLU C 111 7.77 -2.02 -23.01
CA GLU C 111 6.45 -2.49 -22.58
C GLU C 111 6.53 -3.14 -21.19
N ASN C 112 7.71 -3.59 -20.78
CA ASN C 112 7.86 -4.29 -19.51
C ASN C 112 8.04 -3.36 -18.32
N THR C 113 8.21 -2.06 -18.55
CA THR C 113 8.57 -1.17 -17.46
C THR C 113 7.39 -0.99 -16.50
N PRO C 114 7.64 -0.84 -15.21
CA PRO C 114 6.56 -0.55 -14.27
C PRO C 114 6.14 0.91 -14.34
N LEU C 115 5.00 1.21 -13.71
CA LEU C 115 4.45 2.55 -13.78
C LEU C 115 5.15 3.54 -12.86
N TYR C 116 5.87 3.05 -11.86
CA TYR C 116 6.53 3.95 -10.91
C TYR C 116 7.56 4.85 -11.58
N PRO C 117 8.50 4.35 -12.38
CA PRO C 117 9.42 5.27 -13.06
C PRO C 117 8.71 6.22 -14.00
N ILE C 118 7.63 5.77 -14.64
CA ILE C 118 6.88 6.63 -15.53
C ILE C 118 6.29 7.81 -14.77
N CYS C 119 5.69 7.52 -13.61
CA CYS C 119 5.15 8.59 -12.79
C CYS C 119 6.24 9.54 -12.33
N ARG C 120 7.39 9.00 -11.92
CA ARG C 120 8.47 9.86 -11.48
C ARG C 120 8.92 10.78 -12.61
N ALA C 121 9.08 10.23 -13.81
CA ALA C 121 9.49 11.03 -14.96
C ALA C 121 8.45 12.09 -15.28
N TRP C 122 7.16 11.75 -15.17
CA TRP C 122 6.12 12.69 -15.50
C TRP C 122 6.02 13.79 -14.46
N MET C 123 6.44 13.51 -13.22
CA MET C 123 6.69 14.59 -12.27
C MET C 123 7.90 15.43 -12.67
N ARG C 124 8.92 14.80 -13.26
CA ARG C 124 10.13 15.55 -13.61
C ARG C 124 9.91 16.64 -14.64
N ASN C 125 8.79 16.62 -15.38
CA ASN C 125 8.60 17.51 -16.53
C ASN C 125 9.76 17.36 -17.51
N SER C 126 9.79 16.17 -18.12
CA SER C 126 10.96 15.56 -18.75
C SER C 126 11.82 16.56 -19.51
N PRO C 127 13.06 16.75 -19.07
CA PRO C 127 13.95 17.73 -19.71
C PRO C 127 14.47 17.24 -21.05
N SER C 128 15.39 18.01 -21.64
CA SER C 128 15.89 17.69 -22.97
C SER C 128 16.63 16.35 -22.99
N VAL C 129 17.51 16.13 -22.01
CA VAL C 129 18.45 15.02 -22.07
C VAL C 129 18.32 14.17 -20.82
N ARG C 130 18.58 12.87 -20.98
CA ARG C 130 18.52 11.86 -19.92
C ARG C 130 19.91 11.34 -19.56
N GLU C 131 20.90 12.24 -19.48
CA GLU C 131 22.32 11.86 -19.45
C GLU C 131 22.62 10.66 -18.56
N ARG C 132 22.32 10.78 -17.27
CA ARG C 132 22.66 9.72 -16.33
C ARG C 132 21.70 9.79 -15.15
N GLU C 133 21.48 8.62 -14.53
CA GLU C 133 20.45 8.48 -13.51
C GLU C 133 21.06 8.56 -12.12
N CYS C 134 21.44 9.79 -11.73
CA CYS C 134 21.88 10.09 -10.37
C CYS C 134 23.02 9.15 -9.95
N SER C 135 24.17 9.35 -10.60
CA SER C 135 25.27 8.40 -10.73
C SER C 135 25.48 7.55 -9.49
N PRO C 136 25.55 6.22 -9.66
CA PRO C 136 25.74 5.34 -8.51
C PRO C 136 27.08 5.52 -7.80
N SER C 137 28.09 6.04 -8.48
CA SER C 137 29.40 6.19 -7.87
C SER C 137 29.36 7.17 -6.72
N SER C 138 29.96 6.79 -5.59
CA SER C 138 29.95 7.59 -4.39
C SER C 138 31.36 7.73 -3.84
N PRO C 139 31.89 8.94 -3.70
CA PRO C 139 33.21 9.09 -3.07
C PRO C 139 33.11 9.22 -1.56
N LEU C 140 31.97 8.85 -1.00
CA LEU C 140 31.73 9.04 0.44
C LEU C 140 32.62 8.09 1.24
N PRO C 141 33.47 8.62 2.12
CA PRO C 141 34.38 7.75 2.88
C PRO C 141 33.67 7.12 4.06
N PRO C 142 34.35 6.20 4.79
CA PRO C 142 33.82 5.68 6.05
C PRO C 142 33.51 6.78 7.06
#